data_6EEZ
#
_entry.id   6EEZ
#
_cell.length_a   54.407
_cell.length_b   104.796
_cell.length_c   67.691
_cell.angle_alpha   90.00
_cell.angle_beta   96.48
_cell.angle_gamma   90.00
#
_symmetry.space_group_name_H-M   'P 1 21 1'
#
loop_
_entity.id
_entity.type
_entity.pdbx_description
1 polymer 'DsbA-like disulfide oxidoreductase'
2 water water
#
_entity_poly.entity_id   1
_entity_poly.type   'polypeptide(L)'
_entity_poly.pdbx_seq_one_letter_code
;SNAARDNVTKSKISQYKDQIFDLTYPYSGNENSSVIAVGFLDYSCGHCKAIKNDIKQLINDGKIKYIFRDAPILGNASLK
AAKSALAVYFLDKEKYFDFHHAALSHKGEFSDESILDIVKNIGIDEDDFNDSIKDNADKIEQMINNSRLLVRDLGVGGTP
FLIIGDSLFVGATDLNVLRKKVDELSHKQG
;
_entity_poly.pdbx_strand_id   A,B,C,D
#
# COMPACT_ATOMS: atom_id res chain seq x y z
N SER A 1 27.78 23.34 -14.93
CA SER A 1 28.86 22.41 -15.26
C SER A 1 28.61 21.79 -16.64
N ASN A 2 28.66 20.46 -16.75
CA ASN A 2 28.46 19.80 -18.03
C ASN A 2 28.16 18.31 -17.86
N ALA A 3 28.17 17.58 -18.97
CA ALA A 3 27.64 16.22 -19.00
C ALA A 3 28.39 15.25 -18.09
N ALA A 4 29.72 15.26 -18.18
CA ALA A 4 30.57 14.31 -17.48
C ALA A 4 30.34 14.43 -15.99
N ARG A 5 30.33 15.66 -15.52
CA ARG A 5 30.13 15.93 -14.11
C ARG A 5 28.68 15.63 -13.67
N ASP A 6 27.71 15.85 -14.55
CA ASP A 6 26.35 15.44 -14.23
C ASP A 6 26.26 13.92 -14.17
N ASN A 7 26.99 13.24 -15.04
CA ASN A 7 27.00 11.78 -14.98
C ASN A 7 27.49 11.27 -13.63
N VAL A 8 28.57 11.87 -13.11
CA VAL A 8 29.09 11.52 -11.78
C VAL A 8 28.03 11.77 -10.72
N THR A 9 27.34 12.89 -10.82
CA THR A 9 26.27 13.20 -9.87
C THR A 9 25.20 12.10 -9.84
N LYS A 10 24.79 11.67 -11.02
CA LYS A 10 23.86 10.57 -11.16
C LYS A 10 24.37 9.28 -10.47
N SER A 11 25.64 8.90 -10.71
CA SER A 11 26.24 7.76 -10.02
C SER A 11 26.23 7.94 -8.48
N LYS A 12 26.55 9.13 -8.00
CA LYS A 12 26.56 9.37 -6.54
C LYS A 12 25.16 9.22 -5.96
N ILE A 13 24.17 9.81 -6.63
CA ILE A 13 22.77 9.68 -6.19
C ILE A 13 22.40 8.19 -6.11
N SER A 14 22.74 7.39 -7.12
CA SER A 14 22.50 5.94 -7.00
C SER A 14 23.23 5.33 -5.80
N GLN A 15 24.48 5.72 -5.57
CA GLN A 15 25.25 5.15 -4.44
C GLN A 15 24.58 5.46 -3.11
N TYR A 16 24.12 6.70 -2.96
CA TYR A 16 23.51 7.16 -1.71
C TYR A 16 21.98 7.14 -1.74
N LYS A 17 21.39 6.35 -2.64
CA LYS A 17 19.94 6.41 -2.84
C LYS A 17 19.18 6.01 -1.57
N ASP A 18 19.70 5.05 -0.81
CA ASP A 18 19.04 4.65 0.44
C ASP A 18 19.02 5.78 1.45
N GLN A 19 20.04 6.61 1.41
CA GLN A 19 20.15 7.71 2.34
C GLN A 19 19.31 8.89 1.84
N ILE A 20 19.57 9.35 0.61
CA ILE A 20 18.81 10.42 -0.02
C ILE A 20 17.29 10.22 0.07
N PHE A 21 16.81 9.02 -0.23
CA PHE A 21 15.37 8.79 -0.26
C PHE A 21 14.91 8.04 0.99
N ASP A 22 15.68 8.15 2.07
CA ASP A 22 15.29 7.62 3.39
C ASP A 22 13.84 8.04 3.76
N LEU A 23 13.02 7.07 4.17
CA LEU A 23 11.61 7.31 4.39
C LEU A 23 11.28 7.86 5.79
N THR A 24 12.26 7.88 6.69
CA THR A 24 12.01 8.33 8.07
C THR A 24 12.10 9.86 8.22
N TYR A 25 12.37 10.56 7.13
CA TYR A 25 12.50 12.01 7.18
C TYR A 25 11.20 12.67 6.75
N PRO A 26 10.98 13.93 7.16
CA PRO A 26 9.67 14.54 6.87
C PRO A 26 9.47 14.80 5.39
N TYR A 27 8.24 14.64 4.92
CA TYR A 27 7.93 14.87 3.52
C TYR A 27 6.54 15.52 3.34
N SER A 28 6.35 16.19 2.21
CA SER A 28 5.04 16.66 1.78
C SER A 28 4.79 16.24 0.35
N GLY A 29 3.54 16.33 -0.07
CA GLY A 29 3.18 15.99 -1.42
C GLY A 29 2.71 14.56 -1.52
N ASN A 30 2.90 13.95 -2.68
CA ASN A 30 2.33 12.64 -2.92
C ASN A 30 3.30 11.55 -2.49
N GLU A 31 2.94 10.90 -1.39
CA GLU A 31 3.71 9.80 -0.81
C GLU A 31 4.06 8.75 -1.85
N ASN A 32 3.16 8.55 -2.81
CA ASN A 32 3.27 7.45 -3.75
C ASN A 32 3.81 7.85 -5.13
N SER A 33 4.23 9.11 -5.25
CA SER A 33 4.82 9.60 -6.48
C SER A 33 6.22 9.02 -6.66
N SER A 34 6.57 8.61 -7.87
CA SER A 34 7.95 8.15 -8.15
C SER A 34 8.90 9.32 -8.40
N VAL A 35 8.35 10.52 -8.58
CA VAL A 35 9.17 11.71 -8.76
C VAL A 35 9.39 12.37 -7.41
N ILE A 36 10.53 12.10 -6.82
CA ILE A 36 10.82 12.46 -5.45
C ILE A 36 11.90 13.55 -5.41
N ALA A 37 11.56 14.68 -4.80
CA ALA A 37 12.52 15.75 -4.59
C ALA A 37 13.05 15.66 -3.18
N VAL A 38 14.33 15.97 -2.98
CA VAL A 38 14.95 15.97 -1.66
C VAL A 38 15.71 17.27 -1.42
N GLY A 39 15.18 18.10 -0.52
CA GLY A 39 15.69 19.45 -0.33
C GLY A 39 16.57 19.51 0.91
N PHE A 40 17.72 20.19 0.77
CA PHE A 40 18.69 20.35 1.88
C PHE A 40 18.83 21.82 2.24
N LEU A 41 18.47 22.16 3.49
CA LEU A 41 18.30 23.56 3.92
C LEU A 41 18.86 23.83 5.32
N ASP A 42 19.38 25.04 5.50
CA ASP A 42 19.72 25.61 6.80
C ASP A 42 18.76 26.77 6.97
N TYR A 43 18.05 26.80 8.09
CA TYR A 43 17.02 27.81 8.28
C TYR A 43 17.55 29.26 8.35
N SER A 44 18.81 29.45 8.76
CA SER A 44 19.37 30.80 8.88
C SER A 44 20.07 31.26 7.60
N CYS A 45 20.07 30.41 6.58
CA CYS A 45 20.73 30.73 5.31
CA CYS A 45 20.72 30.74 5.31
C CYS A 45 19.83 31.64 4.45
N GLY A 46 20.39 32.75 3.98
CA GLY A 46 19.63 33.72 3.19
C GLY A 46 18.97 33.14 1.94
N HIS A 47 19.70 32.28 1.20
CA HIS A 47 19.13 31.71 -0.02
C HIS A 47 18.11 30.64 0.33
N CYS A 48 18.28 29.95 1.44
CA CYS A 48 17.30 28.98 1.88
CA CYS A 48 17.30 28.97 1.87
C CYS A 48 15.99 29.70 2.20
N LYS A 49 16.09 30.81 2.90
CA LYS A 49 14.92 31.63 3.22
C LYS A 49 14.20 32.11 1.96
N ALA A 50 14.95 32.52 0.95
CA ALA A 50 14.35 33.18 -0.21
C ALA A 50 13.59 32.23 -1.15
N ILE A 51 13.90 30.93 -1.10
CA ILE A 51 13.26 29.96 -1.99
C ILE A 51 12.10 29.25 -1.33
N LYS A 52 11.69 29.74 -0.16
CA LYS A 52 10.69 29.05 0.64
C LYS A 52 9.37 28.90 -0.14
N ASN A 53 9.08 29.87 -1.02
CA ASN A 53 7.85 29.86 -1.80
C ASN A 53 8.00 29.12 -3.11
N ASP A 54 9.24 28.97 -3.57
CA ASP A 54 9.51 28.08 -4.70
C ASP A 54 9.17 26.68 -4.26
N ILE A 55 9.67 26.30 -3.09
CA ILE A 55 9.43 25.00 -2.50
C ILE A 55 7.93 24.77 -2.30
N LYS A 56 7.27 25.73 -1.65
CA LYS A 56 5.82 25.63 -1.42
C LYS A 56 5.06 25.40 -2.73
N GLN A 57 5.33 26.22 -3.75
CA GLN A 57 4.64 26.08 -5.02
C GLN A 57 4.95 24.75 -5.71
N LEU A 58 6.20 24.29 -5.63
CA LEU A 58 6.61 23.06 -6.30
C LEU A 58 5.91 21.86 -5.68
N ILE A 59 5.77 21.91 -4.35
CA ILE A 59 5.00 20.92 -3.60
C ILE A 59 3.50 20.97 -3.98
N ASN A 60 2.93 22.18 -4.08
CA ASN A 60 1.48 22.32 -4.28
C ASN A 60 1.08 21.98 -5.73
N ASP A 61 1.99 22.10 -6.68
CA ASP A 61 1.79 21.54 -8.03
C ASP A 61 1.23 20.10 -8.05
N GLY A 62 1.53 19.32 -7.00
CA GLY A 62 0.85 18.05 -6.77
C GLY A 62 1.55 16.82 -7.36
N LYS A 63 2.68 17.02 -8.00
CA LYS A 63 3.27 15.97 -8.82
C LYS A 63 4.33 15.12 -8.12
N ILE A 64 4.86 15.61 -7.01
CA ILE A 64 6.05 15.03 -6.41
C ILE A 64 5.88 14.64 -4.95
N LYS A 65 6.85 13.89 -4.46
CA LYS A 65 7.07 13.80 -3.04
C LYS A 65 8.27 14.68 -2.76
N TYR A 66 8.16 15.51 -1.74
CA TYR A 66 9.25 16.40 -1.34
C TYR A 66 9.70 16.04 0.06
N ILE A 67 10.92 15.53 0.16
CA ILE A 67 11.52 15.18 1.45
C ILE A 67 12.36 16.35 1.96
N PHE A 68 12.28 16.63 3.26
CA PHE A 68 12.98 17.77 3.89
C PHE A 68 14.17 17.26 4.68
N ARG A 69 15.37 17.68 4.27
CA ARG A 69 16.58 17.39 5.03
C ARG A 69 17.13 18.61 5.71
N ASP A 70 16.96 18.62 7.03
CA ASP A 70 17.43 19.70 7.87
C ASP A 70 18.93 19.53 8.04
N ALA A 71 19.70 20.43 7.43
CA ALA A 71 21.17 20.30 7.40
C ALA A 71 21.81 21.56 7.94
N PRO A 72 21.66 21.78 9.24
CA PRO A 72 22.24 22.97 9.88
C PRO A 72 23.78 22.94 9.79
N ILE A 73 24.36 23.99 9.20
CA ILE A 73 25.81 24.19 9.17
C ILE A 73 26.24 25.63 9.51
N LEU A 74 25.27 26.53 9.71
CA LEU A 74 25.60 27.94 9.92
C LEU A 74 25.60 28.36 11.38
N GLY A 75 25.63 27.39 12.28
CA GLY A 75 25.84 27.66 13.70
C GLY A 75 24.77 27.20 14.68
N ASN A 76 24.89 27.72 15.89
CA ASN A 76 24.10 27.27 17.02
C ASN A 76 22.59 27.52 16.81
N ALA A 77 22.27 28.72 16.33
CA ALA A 77 20.89 29.12 16.03
C ALA A 77 20.23 28.19 14.98
N SER A 78 21.00 27.75 13.98
CA SER A 78 20.47 26.87 12.94
C SER A 78 20.22 25.47 13.47
N LEU A 79 21.10 25.02 14.36
CA LEU A 79 20.99 23.69 14.94
C LEU A 79 19.77 23.63 15.82
N LYS A 80 19.54 24.70 16.58
CA LYS A 80 18.35 24.83 17.41
C LYS A 80 17.07 24.79 16.59
N ALA A 81 17.02 25.59 15.53
CA ALA A 81 15.83 25.65 14.72
C ALA A 81 15.63 24.31 14.01
N ALA A 82 16.73 23.67 13.62
CA ALA A 82 16.63 22.36 12.98
C ALA A 82 16.08 21.35 13.97
N LYS A 83 16.64 21.31 15.17
CA LYS A 83 16.21 20.35 16.19
C LYS A 83 14.74 20.55 16.56
N SER A 84 14.33 21.81 16.62
CA SER A 84 12.97 22.16 17.00
C SER A 84 12.00 21.68 15.92
N ALA A 85 12.38 21.87 14.66
CA ALA A 85 11.59 21.44 13.53
C ALA A 85 11.27 19.95 13.62
N LEU A 86 12.28 19.13 13.87
CA LEU A 86 12.01 17.71 13.97
C LEU A 86 11.25 17.38 15.25
N ALA A 87 11.37 18.21 16.28
CA ALA A 87 10.66 17.96 17.53
C ALA A 87 9.15 18.12 17.31
N VAL A 88 8.80 19.03 16.41
CA VAL A 88 7.43 19.22 15.95
C VAL A 88 6.98 18.04 15.08
N TYR A 89 7.83 17.62 14.15
CA TYR A 89 7.53 16.51 13.26
C TYR A 89 7.06 15.26 14.02
N PHE A 90 7.77 14.94 15.08
CA PHE A 90 7.47 13.72 15.81
C PHE A 90 6.22 13.84 16.67
N LEU A 91 5.83 15.06 17.01
CA LEU A 91 4.54 15.27 17.70
C LEU A 91 3.39 15.17 16.73
N ASP A 92 3.56 15.81 15.59
CA ASP A 92 2.52 15.89 14.59
C ASP A 92 3.17 16.27 13.27
N LYS A 93 3.14 15.34 12.34
CA LYS A 93 3.84 15.46 11.07
C LYS A 93 3.19 16.48 10.16
N GLU A 94 1.90 16.72 10.38
CA GLU A 94 1.14 17.67 9.60
C GLU A 94 1.53 19.12 9.91
N LYS A 95 2.29 19.28 11.00
CA LYS A 95 2.70 20.61 11.45
C LYS A 95 4.16 20.90 11.07
N TYR A 96 4.86 19.88 10.54
CA TYR A 96 6.27 20.08 10.25
C TYR A 96 6.45 21.17 9.19
N PHE A 97 5.68 21.13 8.11
CA PHE A 97 5.85 22.14 7.07
C PHE A 97 5.55 23.56 7.61
N ASP A 98 4.64 23.64 8.58
CA ASP A 98 4.28 24.95 9.16
C ASP A 98 5.42 25.53 9.97
N PHE A 99 6.09 24.68 10.74
CA PHE A 99 7.29 25.13 11.44
C PHE A 99 8.33 25.50 10.39
N HIS A 100 8.52 24.61 9.42
CA HIS A 100 9.50 24.80 8.36
C HIS A 100 9.37 26.17 7.70
N HIS A 101 8.17 26.49 7.26
CA HIS A 101 7.93 27.69 6.47
C HIS A 101 8.04 28.95 7.36
N ALA A 102 7.56 28.84 8.58
CA ALA A 102 7.71 29.95 9.53
C ALA A 102 9.18 30.19 9.85
N ALA A 103 9.97 29.13 9.98
CA ALA A 103 11.38 29.30 10.30
C ALA A 103 12.08 30.02 9.14
N LEU A 104 11.75 29.61 7.92
CA LEU A 104 12.28 30.29 6.75
C LEU A 104 11.78 31.73 6.64
N SER A 105 10.60 32.01 7.19
CA SER A 105 10.04 33.36 7.15
C SER A 105 10.62 34.25 8.26
N HIS A 106 11.15 33.62 9.29
CA HIS A 106 11.80 34.30 10.41
C HIS A 106 13.05 35.02 9.94
N LYS A 107 12.99 36.35 9.83
CA LYS A 107 14.05 37.09 9.16
C LYS A 107 15.35 37.26 9.98
N GLY A 108 15.24 37.65 11.26
CA GLY A 108 16.41 37.79 12.12
C GLY A 108 16.97 36.45 12.60
N GLU A 109 18.00 36.48 13.44
CA GLU A 109 18.59 35.27 14.01
C GLU A 109 17.70 34.63 15.08
N PHE A 110 17.72 33.30 15.13
CA PHE A 110 16.85 32.59 16.07
C PHE A 110 17.32 32.79 17.52
N SER A 111 16.35 32.77 18.41
CA SER A 111 16.57 32.72 19.85
C SER A 111 15.58 31.70 20.42
N ASP A 112 15.82 31.25 21.65
CA ASP A 112 14.97 30.25 22.27
C ASP A 112 13.53 30.72 22.20
N GLU A 113 13.36 32.01 22.48
CA GLU A 113 12.03 32.61 22.62
C GLU A 113 11.32 32.65 21.28
N SER A 114 12.01 33.17 20.26
CA SER A 114 11.43 33.34 18.94
C SER A 114 11.01 32.00 18.33
N ILE A 115 11.78 30.94 18.63
CA ILE A 115 11.42 29.60 18.22
C ILE A 115 10.12 29.15 18.91
N LEU A 116 9.93 29.50 20.19
CA LEU A 116 8.67 29.20 20.88
C LEU A 116 7.50 29.98 20.31
N ASP A 117 7.71 31.27 20.03
CA ASP A 117 6.70 32.07 19.35
C ASP A 117 6.21 31.34 18.11
N ILE A 118 7.12 30.64 17.42
CA ILE A 118 6.74 29.91 16.23
C ILE A 118 5.96 28.64 16.59
N VAL A 119 6.40 27.94 17.62
CA VAL A 119 5.74 26.71 18.02
C VAL A 119 4.32 27.03 18.50
N LYS A 120 4.13 28.23 19.03
CA LYS A 120 2.81 28.66 19.46
C LYS A 120 1.91 29.04 18.31
N ASN A 121 2.44 29.75 17.32
CA ASN A 121 1.61 30.26 16.23
C ASN A 121 1.11 29.16 15.30
N ILE A 122 1.70 27.97 15.40
CA ILE A 122 1.31 26.87 14.52
C ILE A 122 0.47 25.82 15.25
N GLY A 123 0.07 26.10 16.48
CA GLY A 123 -0.92 25.29 17.18
C GLY A 123 -0.40 24.29 18.20
N ILE A 124 0.91 24.29 18.44
CA ILE A 124 1.55 23.33 19.34
C ILE A 124 1.79 23.87 20.74
N ASP A 125 1.46 23.07 21.76
CA ASP A 125 1.59 23.48 23.15
C ASP A 125 3.03 23.39 23.65
N GLU A 126 3.46 24.39 24.41
CA GLU A 126 4.85 24.46 24.87
C GLU A 126 5.30 23.17 25.55
N ASP A 127 4.42 22.57 26.34
CA ASP A 127 4.78 21.37 27.12
C ASP A 127 4.89 20.13 26.24
N ASP A 128 4.01 20.00 25.26
CA ASP A 128 4.15 18.95 24.27
C ASP A 128 5.46 19.14 23.51
N PHE A 129 5.85 20.40 23.33
CA PHE A 129 7.03 20.70 22.53
C PHE A 129 8.29 20.39 23.33
N ASN A 130 8.28 20.73 24.62
CA ASN A 130 9.44 20.45 25.47
C ASN A 130 9.63 18.95 25.66
N ASP A 131 8.55 18.20 25.80
CA ASP A 131 8.65 16.75 25.99
C ASP A 131 9.15 16.07 24.72
N SER A 132 8.85 16.67 23.57
CA SER A 132 9.27 16.09 22.28
C SER A 132 10.79 16.24 22.09
N ILE A 133 11.30 17.44 22.40
CA ILE A 133 12.72 17.71 22.36
C ILE A 133 13.49 16.65 23.14
N LYS A 134 13.04 16.38 24.37
CA LYS A 134 13.81 15.56 25.28
C LYS A 134 13.63 14.08 24.96
N ASP A 135 12.39 13.66 24.77
CA ASP A 135 12.08 12.25 24.54
C ASP A 135 12.74 11.73 23.27
N ASN A 136 12.74 12.55 22.21
CA ASN A 136 13.26 12.14 20.90
C ASN A 136 14.67 12.67 20.61
N ALA A 137 15.42 13.01 21.66
CA ALA A 137 16.69 13.70 21.49
C ALA A 137 17.68 12.84 20.69
N ASP A 138 17.85 11.58 21.09
CA ASP A 138 18.74 10.68 20.36
C ASP A 138 18.39 10.59 18.88
N LYS A 139 17.11 10.53 18.55
CA LYS A 139 16.71 10.25 17.18
C LYS A 139 16.85 11.50 16.33
N ILE A 140 16.54 12.65 16.91
CA ILE A 140 16.73 13.91 16.23
C ILE A 140 18.22 14.12 15.95
N GLU A 141 19.04 13.86 16.96
CA GLU A 141 20.47 14.02 16.84
C GLU A 141 20.98 13.12 15.70
N GLN A 142 20.53 11.86 15.71
CA GLN A 142 20.92 10.89 14.69
C GLN A 142 20.53 11.35 13.30
N MET A 143 19.32 11.89 13.17
CA MET A 143 18.82 12.31 11.85
C MET A 143 19.61 13.49 11.32
N ILE A 144 19.99 14.41 12.19
CA ILE A 144 20.70 15.61 11.75
C ILE A 144 22.13 15.23 11.39
N ASN A 145 22.74 14.34 12.15
CA ASN A 145 24.08 13.90 11.85
C ASN A 145 24.10 13.17 10.51
N ASN A 146 23.05 12.38 10.26
CA ASN A 146 23.02 11.62 9.03
C ASN A 146 22.86 12.54 7.85
N SER A 147 22.11 13.63 8.01
CA SER A 147 21.97 14.60 6.92
C SER A 147 23.25 15.38 6.68
N ARG A 148 23.95 15.73 7.75
CA ARG A 148 25.21 16.45 7.59
C ARG A 148 26.23 15.59 6.84
N LEU A 149 26.32 14.31 7.19
CA LEU A 149 27.25 13.41 6.52
C LEU A 149 26.85 13.24 5.05
N LEU A 150 25.54 13.20 4.78
CA LEU A 150 25.06 13.08 3.42
C LEU A 150 25.44 14.32 2.63
N VAL A 151 25.21 15.52 3.18
CA VAL A 151 25.72 16.73 2.54
C VAL A 151 27.23 16.63 2.28
N ARG A 152 28.01 16.11 3.23
CA ARG A 152 29.44 15.94 3.01
C ARG A 152 29.68 14.97 1.83
N ASP A 153 28.99 13.83 1.84
CA ASP A 153 29.20 12.80 0.82
C ASP A 153 28.85 13.25 -0.58
N LEU A 154 27.91 14.16 -0.68
CA LEU A 154 27.47 14.68 -1.95
C LEU A 154 28.39 15.82 -2.38
N GLY A 155 29.22 16.31 -1.46
CA GLY A 155 30.28 17.26 -1.77
C GLY A 155 29.88 18.64 -2.26
N VAL A 156 28.62 19.01 -2.07
CA VAL A 156 28.14 20.32 -2.50
C VAL A 156 28.82 21.47 -1.77
N GLY A 157 28.99 21.32 -0.45
CA GLY A 157 29.74 22.26 0.36
C GLY A 157 28.97 23.47 0.86
N GLY A 158 27.64 23.46 0.70
CA GLY A 158 26.79 24.47 1.35
C GLY A 158 25.31 24.22 1.10
N THR A 159 24.45 25.14 1.56
CA THR A 159 23.02 25.09 1.26
C THR A 159 22.55 26.39 0.58
N PRO A 160 21.40 26.34 -0.11
CA PRO A 160 20.58 25.13 -0.28
C PRO A 160 21.00 24.34 -1.50
N PHE A 161 20.49 23.11 -1.59
CA PHE A 161 20.54 22.38 -2.85
C PHE A 161 19.41 21.39 -2.84
N LEU A 162 19.03 20.96 -4.04
CA LEU A 162 17.88 20.12 -4.25
C LEU A 162 18.15 18.99 -5.26
N ILE A 163 17.84 17.79 -4.82
CA ILE A 163 17.89 16.62 -5.66
C ILE A 163 16.51 16.31 -6.19
N ILE A 164 16.39 16.20 -7.50
CA ILE A 164 15.19 15.62 -8.09
C ILE A 164 15.61 14.52 -9.06
N GLY A 165 15.16 13.30 -8.80
CA GLY A 165 15.46 12.18 -9.68
C GLY A 165 16.96 11.91 -9.68
N ASP A 166 17.61 12.07 -10.83
CA ASP A 166 19.05 11.85 -10.96
C ASP A 166 19.81 13.16 -11.11
N SER A 167 19.14 14.26 -10.77
CA SER A 167 19.70 15.61 -10.90
C SER A 167 19.90 16.33 -9.57
N LEU A 168 20.85 17.24 -9.54
CA LEU A 168 21.14 17.96 -8.31
C LEU A 168 21.28 19.42 -8.69
N PHE A 169 20.38 20.22 -8.10
CA PHE A 169 20.32 21.67 -8.33
C PHE A 169 20.87 22.43 -7.14
N VAL A 170 21.85 23.29 -7.37
CA VAL A 170 22.58 23.96 -6.28
C VAL A 170 22.19 25.45 -6.19
N GLY A 171 21.88 25.94 -5.00
CA GLY A 171 21.58 27.36 -4.82
C GLY A 171 20.11 27.71 -5.11
N ALA A 172 19.86 28.98 -5.39
CA ALA A 172 18.50 29.47 -5.62
C ALA A 172 18.08 29.22 -7.04
N THR A 173 17.73 27.97 -7.32
CA THR A 173 17.33 27.56 -8.65
C THR A 173 15.98 28.13 -8.99
N ASP A 174 15.87 28.70 -10.19
CA ASP A 174 14.59 29.19 -10.67
C ASP A 174 13.54 28.09 -10.70
N LEU A 175 12.32 28.47 -10.34
CA LEU A 175 11.19 27.54 -10.25
C LEU A 175 10.89 26.85 -11.57
N ASN A 176 11.02 27.57 -12.68
CA ASN A 176 10.70 27.02 -14.00
C ASN A 176 11.62 25.89 -14.41
N VAL A 177 12.86 25.91 -13.89
CA VAL A 177 13.81 24.85 -14.20
C VAL A 177 13.43 23.59 -13.44
N LEU A 178 13.10 23.77 -12.18
CA LEU A 178 12.63 22.67 -11.36
C LEU A 178 11.35 22.08 -11.94
N ARG A 179 10.44 22.92 -12.42
CA ARG A 179 9.15 22.43 -12.93
C ARG A 179 9.29 21.61 -14.22
N LYS A 180 10.19 22.04 -15.11
CA LYS A 180 10.47 21.33 -16.34
C LYS A 180 11.09 19.94 -16.06
N LYS A 181 12.02 19.89 -15.10
CA LYS A 181 12.61 18.61 -14.72
C LYS A 181 11.56 17.68 -14.14
N VAL A 182 10.72 18.20 -13.26
CA VAL A 182 9.61 17.42 -12.71
C VAL A 182 8.68 16.89 -13.80
N ASP A 183 8.38 17.71 -14.80
CA ASP A 183 7.45 17.29 -15.86
C ASP A 183 8.09 16.26 -16.75
N GLU A 184 9.35 16.50 -17.08
CA GLU A 184 10.14 15.58 -17.87
C GLU A 184 10.11 14.20 -17.22
N LEU A 185 10.31 14.16 -15.91
CA LEU A 185 10.31 12.90 -15.17
C LEU A 185 8.90 12.32 -14.97
N SER A 186 7.85 13.13 -15.10
CA SER A 186 6.50 12.62 -14.94
C SER A 186 6.05 11.98 -16.25
N SER B 1 -21.55 17.35 -18.16
CA SER B 1 -20.47 18.31 -17.94
C SER B 1 -20.45 18.87 -16.52
N ASN B 2 -21.39 19.79 -16.24
CA ASN B 2 -21.25 20.72 -15.13
C ASN B 2 -21.47 20.11 -13.73
N ALA B 3 -21.40 20.97 -12.72
CA ALA B 3 -21.23 20.58 -11.33
C ALA B 3 -22.36 19.74 -10.74
N ALA B 4 -23.60 20.20 -10.91
CA ALA B 4 -24.74 19.56 -10.29
C ALA B 4 -24.75 18.05 -10.55
N ARG B 5 -24.61 17.63 -11.79
CA ARG B 5 -24.71 16.20 -12.07
C ARG B 5 -23.37 15.50 -11.84
N ASP B 6 -22.30 16.27 -11.60
CA ASP B 6 -21.06 15.69 -11.10
C ASP B 6 -21.29 15.30 -9.66
N ASN B 7 -22.05 16.13 -8.94
CA ASN B 7 -22.37 15.83 -7.57
C ASN B 7 -23.26 14.58 -7.44
N VAL B 8 -24.14 14.38 -8.42
CA VAL B 8 -24.96 13.17 -8.44
C VAL B 8 -24.05 11.97 -8.64
N THR B 9 -23.11 12.07 -9.57
CA THR B 9 -22.17 10.97 -9.84
C THR B 9 -21.38 10.59 -8.59
N LYS B 10 -20.93 11.61 -7.86
CA LYS B 10 -20.26 11.41 -6.60
C LYS B 10 -21.15 10.60 -5.64
N SER B 11 -22.41 11.01 -5.49
CA SER B 11 -23.33 10.28 -4.64
C SER B 11 -23.57 8.83 -5.12
N LYS B 12 -23.69 8.66 -6.44
CA LYS B 12 -23.91 7.32 -6.99
C LYS B 12 -22.70 6.42 -6.74
N ILE B 13 -21.51 6.98 -6.93
CA ILE B 13 -20.27 6.26 -6.65
C ILE B 13 -20.26 5.86 -5.17
N SER B 14 -20.59 6.78 -4.26
CA SER B 14 -20.62 6.44 -2.84
C SER B 14 -21.59 5.29 -2.57
N GLN B 15 -22.77 5.37 -3.17
CA GLN B 15 -23.80 4.34 -2.98
C GLN B 15 -23.23 2.98 -3.39
N TYR B 16 -22.64 2.93 -4.56
CA TYR B 16 -22.15 1.66 -5.10
C TYR B 16 -20.67 1.39 -4.77
N LYS B 17 -20.14 2.01 -3.71
CA LYS B 17 -18.70 1.96 -3.43
C LYS B 17 -18.23 0.53 -3.12
N ASP B 18 -19.01 -0.23 -2.39
CA ASP B 18 -18.64 -1.61 -2.08
C ASP B 18 -18.57 -2.45 -3.34
N GLN B 19 -19.30 -2.04 -4.38
CA GLN B 19 -19.33 -2.77 -5.64
C GLN B 19 -18.21 -2.26 -6.56
N ILE B 20 -18.09 -0.93 -6.66
CA ILE B 20 -17.13 -0.29 -7.55
C ILE B 20 -15.67 -0.56 -7.15
N PHE B 21 -15.38 -0.54 -5.86
CA PHE B 21 -14.00 -0.67 -5.37
C PHE B 21 -13.76 -2.07 -4.80
N ASP B 22 -14.56 -3.04 -5.25
CA ASP B 22 -14.37 -4.45 -4.93
C ASP B 22 -13.01 -4.93 -5.47
N LEU B 23 -12.06 -5.20 -4.58
CA LEU B 23 -10.71 -5.58 -5.01
C LEU B 23 -10.57 -7.09 -5.25
N THR B 24 -11.70 -7.81 -5.32
CA THR B 24 -11.70 -9.20 -5.79
C THR B 24 -11.78 -9.30 -7.32
N TYR B 25 -11.99 -8.18 -8.00
CA TYR B 25 -11.87 -8.14 -9.46
C TYR B 25 -10.40 -7.96 -9.77
N PRO B 26 -9.97 -8.27 -11.01
CA PRO B 26 -8.53 -8.11 -11.31
C PRO B 26 -8.06 -6.67 -11.20
N TYR B 27 -6.91 -6.42 -10.59
CA TYR B 27 -6.34 -5.07 -10.60
C TYR B 27 -4.82 -5.03 -10.66
N SER B 28 -4.32 -3.87 -11.06
CA SER B 28 -2.89 -3.59 -11.17
C SER B 28 -2.52 -2.34 -10.41
N GLY B 29 -1.20 -2.18 -10.19
CA GLY B 29 -0.65 -0.93 -9.71
C GLY B 29 -0.15 -1.00 -8.29
N ASN B 30 -0.35 0.07 -7.53
CA ASN B 30 0.39 0.27 -6.30
C ASN B 30 -0.36 -0.14 -5.04
N GLU B 31 0.14 -1.19 -4.40
CA GLU B 31 -0.49 -1.78 -3.21
C GLU B 31 -0.65 -0.79 -2.07
N ASN B 32 0.29 0.14 -1.95
CA ASN B 32 0.27 1.12 -0.86
C ASN B 32 -0.50 2.41 -1.19
N SER B 33 -1.22 2.45 -2.33
CA SER B 33 -2.05 3.61 -2.70
C SER B 33 -3.53 3.39 -2.46
N SER B 34 -4.18 4.38 -1.85
CA SER B 34 -5.63 4.36 -1.68
C SER B 34 -6.40 5.07 -2.80
N VAL B 35 -5.68 5.59 -3.80
CA VAL B 35 -6.33 6.19 -4.95
C VAL B 35 -6.71 5.06 -5.90
N ILE B 36 -8.01 4.77 -6.01
CA ILE B 36 -8.47 3.68 -6.86
C ILE B 36 -9.21 4.19 -8.09
N ALA B 37 -8.76 3.69 -9.24
CA ALA B 37 -9.44 3.84 -10.51
C ALA B 37 -10.08 2.53 -10.93
N VAL B 38 -11.23 2.60 -11.60
CA VAL B 38 -11.98 1.41 -11.98
C VAL B 38 -12.44 1.56 -13.44
N GLY B 39 -11.88 0.73 -14.32
CA GLY B 39 -12.11 0.89 -15.76
C GLY B 39 -13.11 -0.13 -16.29
N PHE B 40 -14.03 0.32 -17.13
CA PHE B 40 -15.10 -0.49 -17.67
C PHE B 40 -14.92 -0.55 -19.16
N LEU B 41 -14.66 -1.75 -19.67
CA LEU B 41 -14.24 -1.90 -21.06
C LEU B 41 -14.90 -3.12 -21.70
N ASP B 42 -15.11 -3.03 -23.01
CA ASP B 42 -15.55 -4.14 -23.87
C ASP B 42 -14.44 -4.33 -24.91
N TYR B 43 -13.80 -5.51 -24.92
CA TYR B 43 -12.64 -5.76 -25.80
C TYR B 43 -12.89 -5.55 -27.29
N SER B 44 -14.14 -5.41 -27.70
CA SER B 44 -14.44 -5.23 -29.14
C SER B 44 -14.69 -3.76 -29.46
N CYS B 45 -14.83 -2.94 -28.43
CA CYS B 45 -15.14 -1.53 -28.64
CA CYS B 45 -15.13 -1.52 -28.65
C CYS B 45 -13.89 -0.80 -29.16
N GLY B 46 -14.05 -0.02 -30.21
CA GLY B 46 -12.94 0.66 -30.86
C GLY B 46 -12.27 1.69 -29.97
N HIS B 47 -13.05 2.34 -29.10
CA HIS B 47 -12.53 3.39 -28.23
C HIS B 47 -11.83 2.73 -27.06
N CYS B 48 -12.38 1.60 -26.61
CA CYS B 48 -11.74 0.75 -25.62
CA CYS B 48 -11.73 0.75 -25.62
C CYS B 48 -10.35 0.32 -26.11
N LYS B 49 -10.27 -0.11 -27.36
CA LYS B 49 -9.00 -0.54 -27.93
C LYS B 49 -8.01 0.62 -27.96
N ALA B 50 -8.46 1.80 -28.36
CA ALA B 50 -7.55 2.91 -28.61
C ALA B 50 -6.96 3.53 -27.33
N ILE B 51 -7.60 3.32 -26.18
CA ILE B 51 -7.08 3.82 -24.89
C ILE B 51 -6.21 2.79 -24.14
N LYS B 52 -5.87 1.67 -24.77
CA LYS B 52 -5.12 0.62 -24.08
C LYS B 52 -3.79 1.13 -23.51
N ASN B 53 -3.13 2.04 -24.22
CA ASN B 53 -1.79 2.47 -23.80
C ASN B 53 -1.86 3.58 -22.76
N ASP B 54 -2.95 4.36 -22.83
CA ASP B 54 -3.33 5.26 -21.74
C ASP B 54 -3.44 4.56 -20.42
N ILE B 55 -4.26 3.51 -20.40
CA ILE B 55 -4.44 2.67 -19.22
C ILE B 55 -3.09 2.12 -18.74
N LYS B 56 -2.33 1.51 -19.65
CA LYS B 56 -1.01 0.98 -19.32
C LYS B 56 -0.11 2.07 -18.67
N GLN B 57 -0.18 3.29 -19.17
CA GLN B 57 0.72 4.32 -18.66
C GLN B 57 0.25 4.91 -17.35
N LEU B 58 -1.06 4.98 -17.18
CA LEU B 58 -1.66 5.45 -15.94
C LEU B 58 -1.24 4.50 -14.84
N ILE B 59 -1.22 3.21 -15.17
CA ILE B 59 -0.80 2.18 -14.22
C ILE B 59 0.70 2.28 -13.93
N ASN B 60 1.48 2.54 -14.97
CA ASN B 60 2.93 2.53 -14.84
C ASN B 60 3.39 3.76 -14.07
N ASP B 61 2.55 4.80 -13.99
CA ASP B 61 2.87 5.99 -13.18
C ASP B 61 3.07 5.62 -11.70
N GLY B 62 2.43 4.55 -11.22
CA GLY B 62 2.72 4.02 -9.89
C GLY B 62 1.93 4.62 -8.73
N LYS B 63 0.91 5.43 -9.03
CA LYS B 63 0.19 6.23 -8.01
C LYS B 63 -1.18 5.67 -7.63
N ILE B 64 -1.66 4.66 -8.35
CA ILE B 64 -3.03 4.18 -8.17
C ILE B 64 -3.09 2.67 -8.14
N LYS B 65 -4.19 2.14 -7.61
CA LYS B 65 -4.66 0.80 -7.98
C LYS B 65 -5.63 0.99 -9.12
N TYR B 66 -5.58 0.11 -10.10
CA TYR B 66 -6.48 0.17 -11.25
C TYR B 66 -7.21 -1.16 -11.43
N ILE B 67 -8.51 -1.15 -11.16
CA ILE B 67 -9.35 -2.33 -11.20
C ILE B 67 -9.96 -2.44 -12.58
N PHE B 68 -9.95 -3.66 -13.12
CA PHE B 68 -10.49 -3.93 -14.43
C PHE B 68 -11.86 -4.55 -14.33
N ARG B 69 -12.86 -3.83 -14.82
CA ARG B 69 -14.22 -4.33 -14.90
C ARG B 69 -14.58 -4.70 -16.34
N ASP B 70 -14.49 -5.97 -16.64
CA ASP B 70 -14.87 -6.48 -17.95
C ASP B 70 -16.37 -6.39 -18.10
N ALA B 71 -16.83 -5.54 -19.00
CA ALA B 71 -18.26 -5.29 -19.20
C ALA B 71 -18.66 -5.43 -20.65
N PRO B 72 -18.70 -6.69 -21.13
CA PRO B 72 -19.06 -6.94 -22.53
C PRO B 72 -20.50 -6.56 -22.85
N ILE B 73 -20.69 -5.75 -23.89
CA ILE B 73 -22.04 -5.40 -24.35
C ILE B 73 -22.22 -5.45 -25.86
N LEU B 74 -21.16 -5.68 -26.62
CA LEU B 74 -21.26 -5.68 -28.10
C LEU B 74 -21.48 -7.07 -28.73
N GLY B 75 -21.71 -8.09 -27.90
CA GLY B 75 -22.08 -9.40 -28.43
C GLY B 75 -21.30 -10.59 -27.88
N ASN B 76 -21.58 -11.77 -28.45
CA ASN B 76 -21.01 -13.04 -28.00
C ASN B 76 -19.48 -13.06 -28.05
N ALA B 77 -18.92 -12.43 -29.09
CA ALA B 77 -17.48 -12.35 -29.24
C ALA B 77 -16.87 -11.52 -28.10
N SER B 78 -17.54 -10.42 -27.74
CA SER B 78 -17.10 -9.59 -26.62
C SER B 78 -17.21 -10.35 -25.33
N LEU B 79 -18.32 -11.05 -25.16
CA LEU B 79 -18.56 -11.82 -23.95
C LEU B 79 -17.51 -12.91 -23.76
N LYS B 80 -17.14 -13.51 -24.87
CA LYS B 80 -16.14 -14.56 -24.92
C LYS B 80 -14.80 -14.05 -24.45
N ALA B 81 -14.39 -12.93 -25.03
CA ALA B 81 -13.10 -12.35 -24.71
C ALA B 81 -13.05 -12.04 -23.24
N ALA B 82 -14.18 -11.61 -22.70
CA ALA B 82 -14.27 -11.18 -21.31
C ALA B 82 -14.19 -12.38 -20.38
N LYS B 83 -14.93 -13.43 -20.71
CA LYS B 83 -14.88 -14.69 -19.97
C LYS B 83 -13.46 -15.28 -19.99
N SER B 84 -12.82 -15.18 -21.14
CA SER B 84 -11.48 -15.72 -21.32
C SER B 84 -10.47 -14.93 -20.47
N ALA B 85 -10.68 -13.61 -20.39
CA ALA B 85 -9.82 -12.75 -19.56
C ALA B 85 -9.86 -13.22 -18.13
N LEU B 86 -11.06 -13.44 -17.60
CA LEU B 86 -11.18 -13.86 -16.21
C LEU B 86 -10.72 -15.31 -16.00
N ALA B 87 -10.89 -16.17 -16.99
CA ALA B 87 -10.36 -17.52 -16.85
C ALA B 87 -8.85 -17.45 -16.61
N VAL B 88 -8.19 -16.51 -17.26
CA VAL B 88 -6.75 -16.33 -17.10
C VAL B 88 -6.46 -15.84 -15.69
N TYR B 89 -7.20 -14.84 -15.26
CA TYR B 89 -7.04 -14.29 -13.91
C TYR B 89 -7.06 -15.37 -12.83
N PHE B 90 -7.95 -16.35 -12.94
CA PHE B 90 -8.03 -17.38 -11.93
C PHE B 90 -6.91 -18.38 -12.05
N LEU B 91 -6.32 -18.50 -13.23
CA LEU B 91 -5.13 -19.32 -13.37
C LEU B 91 -3.94 -18.61 -12.74
N ASP B 92 -3.75 -17.37 -13.15
CA ASP B 92 -2.68 -16.54 -12.60
C ASP B 92 -3.00 -15.06 -12.75
N LYS B 93 -3.10 -14.40 -11.60
CA LYS B 93 -3.49 -12.98 -11.55
C LYS B 93 -2.55 -12.06 -12.31
N GLU B 94 -1.25 -12.37 -12.28
CA GLU B 94 -0.25 -11.55 -12.94
C GLU B 94 -0.30 -11.64 -14.47
N LYS B 95 -1.10 -12.54 -15.04
CA LYS B 95 -1.19 -12.65 -16.51
C LYS B 95 -2.45 -11.97 -17.06
N TYR B 96 -3.37 -11.58 -16.17
CA TYR B 96 -4.61 -10.97 -16.61
C TYR B 96 -4.29 -9.78 -17.52
N PHE B 97 -3.38 -8.92 -17.09
CA PHE B 97 -3.13 -7.69 -17.84
C PHE B 97 -2.53 -7.97 -19.21
N ASP B 98 -1.66 -8.97 -19.31
CA ASP B 98 -1.15 -9.38 -20.61
C ASP B 98 -2.27 -9.85 -21.54
N PHE B 99 -3.19 -10.66 -21.03
CA PHE B 99 -4.34 -11.03 -21.84
C PHE B 99 -5.17 -9.77 -22.21
N HIS B 100 -5.51 -8.99 -21.19
CA HIS B 100 -6.23 -7.74 -21.36
C HIS B 100 -5.65 -6.89 -22.49
N HIS B 101 -4.35 -6.61 -22.41
CA HIS B 101 -3.69 -5.72 -23.35
C HIS B 101 -3.65 -6.33 -24.75
N ALA B 102 -3.38 -7.63 -24.80
CA ALA B 102 -3.33 -8.34 -26.07
C ALA B 102 -4.69 -8.38 -26.73
N ALA B 103 -5.76 -8.54 -25.95
CA ALA B 103 -7.13 -8.49 -26.49
C ALA B 103 -7.44 -7.12 -27.09
N LEU B 104 -7.06 -6.07 -26.39
CA LEU B 104 -7.25 -4.72 -26.92
C LEU B 104 -6.40 -4.51 -28.19
N SER B 105 -5.23 -5.13 -28.26
CA SER B 105 -4.41 -5.01 -29.47
C SER B 105 -4.96 -5.90 -30.60
N HIS B 106 -5.79 -6.86 -30.22
CA HIS B 106 -6.37 -7.81 -31.18
C HIS B 106 -7.34 -7.13 -32.17
N LYS B 107 -6.87 -6.91 -33.38
CA LYS B 107 -7.71 -6.34 -34.42
C LYS B 107 -8.49 -7.45 -35.12
N GLY B 108 -9.75 -7.15 -35.48
CA GLY B 108 -10.64 -8.14 -36.06
C GLY B 108 -11.41 -8.82 -34.96
N GLU B 109 -12.41 -9.61 -35.33
CA GLU B 109 -13.30 -10.23 -34.33
C GLU B 109 -12.63 -11.37 -33.60
N PHE B 110 -13.04 -11.54 -32.34
CA PHE B 110 -12.57 -12.62 -31.52
C PHE B 110 -13.20 -13.94 -31.97
N SER B 111 -12.37 -14.97 -32.05
CA SER B 111 -12.82 -16.33 -32.32
C SER B 111 -12.26 -17.23 -31.24
N ASP B 112 -12.83 -18.42 -31.11
CA ASP B 112 -12.30 -19.38 -30.16
C ASP B 112 -10.80 -19.55 -30.39
N GLU B 113 -10.43 -19.56 -31.67
CA GLU B 113 -9.05 -19.86 -32.08
C GLU B 113 -8.12 -18.69 -31.81
N SER B 114 -8.56 -17.47 -32.12
CA SER B 114 -7.71 -16.30 -31.95
C SER B 114 -7.51 -16.01 -30.46
N ILE B 115 -8.48 -16.41 -29.64
CA ILE B 115 -8.36 -16.25 -28.20
C ILE B 115 -7.33 -17.25 -27.68
N LEU B 116 -7.36 -18.45 -28.23
CA LEU B 116 -6.36 -19.47 -27.89
C LEU B 116 -4.98 -19.04 -28.30
N ASP B 117 -4.86 -18.28 -29.40
CA ASP B 117 -3.54 -17.78 -29.81
C ASP B 117 -3.01 -16.83 -28.74
N ILE B 118 -3.85 -15.89 -28.29
CA ILE B 118 -3.53 -14.99 -27.21
C ILE B 118 -3.11 -15.75 -25.94
N VAL B 119 -3.92 -16.72 -25.51
CA VAL B 119 -3.57 -17.51 -24.34
C VAL B 119 -2.20 -18.18 -24.50
N LYS B 120 -1.91 -18.69 -25.70
CA LYS B 120 -0.58 -19.24 -25.97
C LYS B 120 0.53 -18.17 -25.92
N ASN B 121 0.30 -17.04 -26.59
CA ASN B 121 1.33 -16.03 -26.77
C ASN B 121 1.66 -15.27 -25.49
N ILE B 122 0.84 -15.46 -24.45
CA ILE B 122 1.14 -14.91 -23.14
C ILE B 122 1.62 -15.98 -22.15
N GLY B 123 1.73 -17.23 -22.61
CA GLY B 123 2.47 -18.26 -21.90
C GLY B 123 1.63 -19.24 -21.11
N ILE B 124 0.30 -19.13 -21.24
CA ILE B 124 -0.62 -20.03 -20.57
C ILE B 124 -0.97 -21.22 -21.46
N ASP B 125 -1.20 -22.35 -20.80
CA ASP B 125 -1.39 -23.61 -21.48
C ASP B 125 -2.87 -23.83 -21.83
N GLU B 126 -3.12 -24.38 -23.01
CA GLU B 126 -4.47 -24.55 -23.54
C GLU B 126 -5.35 -25.37 -22.59
N ASP B 127 -4.81 -26.46 -22.04
CA ASP B 127 -5.57 -27.31 -21.13
C ASP B 127 -5.90 -26.60 -19.82
N ASP B 128 -4.92 -25.91 -19.26
CA ASP B 128 -5.10 -25.15 -18.02
C ASP B 128 -6.16 -24.08 -18.25
N PHE B 129 -6.10 -23.42 -19.41
CA PHE B 129 -7.08 -22.40 -19.80
C PHE B 129 -8.49 -22.95 -19.88
N ASN B 130 -8.64 -24.13 -20.48
CA ASN B 130 -9.97 -24.70 -20.66
C ASN B 130 -10.50 -25.26 -19.34
N ASP B 131 -9.63 -25.90 -18.56
CA ASP B 131 -9.99 -26.27 -17.21
C ASP B 131 -10.51 -25.06 -16.46
N SER B 132 -9.84 -23.93 -16.62
CA SER B 132 -10.20 -22.72 -15.88
C SER B 132 -11.59 -22.19 -16.29
N ILE B 133 -11.82 -22.09 -17.59
CA ILE B 133 -13.11 -21.69 -18.13
C ILE B 133 -14.24 -22.50 -17.49
N LYS B 134 -13.99 -23.79 -17.29
CA LYS B 134 -15.01 -24.69 -16.75
C LYS B 134 -15.14 -24.67 -15.22
N ASP B 135 -14.00 -24.76 -14.52
CA ASP B 135 -14.00 -24.85 -13.06
C ASP B 135 -14.52 -23.56 -12.43
N ASN B 136 -14.19 -22.44 -13.05
CA ASN B 136 -14.54 -21.12 -12.54
C ASN B 136 -15.74 -20.50 -13.26
N ALA B 137 -16.49 -21.34 -13.97
CA ALA B 137 -17.62 -20.88 -14.80
C ALA B 137 -18.63 -20.00 -14.02
N ASP B 138 -19.06 -20.46 -12.84
CA ASP B 138 -20.06 -19.74 -12.06
C ASP B 138 -19.52 -18.39 -11.62
N LYS B 139 -18.33 -18.43 -11.03
CA LYS B 139 -17.72 -17.23 -10.49
C LYS B 139 -17.48 -16.24 -11.61
N ILE B 140 -17.10 -16.73 -12.79
CA ILE B 140 -16.84 -15.86 -13.94
C ILE B 140 -18.14 -15.18 -14.38
N GLU B 141 -19.21 -15.96 -14.37
CA GLU B 141 -20.51 -15.52 -14.86
C GLU B 141 -21.03 -14.44 -13.93
N GLN B 142 -20.88 -14.68 -12.64
CA GLN B 142 -21.31 -13.74 -11.62
C GLN B 142 -20.59 -12.40 -11.76
N MET B 143 -19.27 -12.47 -11.92
CA MET B 143 -18.49 -11.24 -12.03
C MET B 143 -18.93 -10.45 -13.25
N ILE B 144 -19.18 -11.13 -14.35
CA ILE B 144 -19.56 -10.42 -15.57
C ILE B 144 -20.91 -9.72 -15.33
N ASN B 145 -21.84 -10.45 -14.73
CA ASN B 145 -23.19 -9.93 -14.53
C ASN B 145 -23.19 -8.72 -13.65
N ASN B 146 -22.46 -8.82 -12.55
CA ASN B 146 -22.38 -7.75 -11.57
C ASN B 146 -21.75 -6.53 -12.21
N SER B 147 -20.77 -6.74 -13.08
CA SER B 147 -20.17 -5.63 -13.83
C SER B 147 -21.14 -4.99 -14.80
N ARG B 148 -21.99 -5.79 -15.44
CA ARG B 148 -22.94 -5.25 -16.41
C ARG B 148 -24.03 -4.43 -15.72
N LEU B 149 -24.46 -4.89 -14.55
CA LEU B 149 -25.52 -4.20 -13.80
C LEU B 149 -25.00 -2.85 -13.30
N LEU B 150 -23.76 -2.86 -12.81
CA LEU B 150 -23.09 -1.66 -12.35
C LEU B 150 -23.00 -0.65 -13.48
N VAL B 151 -22.78 -1.12 -14.70
CA VAL B 151 -22.78 -0.20 -15.83
C VAL B 151 -24.21 0.39 -15.99
N ARG B 152 -25.22 -0.44 -15.73
CA ARG B 152 -26.60 0.01 -15.90
C ARG B 152 -26.88 1.05 -14.82
N ASP B 153 -26.46 0.74 -13.59
CA ASP B 153 -26.74 1.56 -12.43
C ASP B 153 -26.06 2.93 -12.50
N LEU B 154 -24.89 2.99 -13.12
CA LEU B 154 -24.18 4.26 -13.27
C LEU B 154 -24.75 5.06 -14.45
N GLY B 155 -25.64 4.44 -15.21
CA GLY B 155 -26.35 5.11 -16.29
C GLY B 155 -25.54 5.67 -17.46
N VAL B 156 -24.31 5.25 -17.63
CA VAL B 156 -23.46 5.78 -18.70
C VAL B 156 -23.98 5.33 -20.07
N GLY B 157 -24.42 4.09 -20.16
CA GLY B 157 -25.04 3.61 -21.38
C GLY B 157 -24.05 3.20 -22.49
N GLY B 158 -22.79 2.99 -22.14
CA GLY B 158 -21.81 2.48 -23.09
C GLY B 158 -20.42 2.39 -22.48
N THR B 159 -19.43 1.99 -23.31
CA THR B 159 -18.02 1.91 -22.94
C THR B 159 -17.16 2.66 -23.95
N PRO B 160 -15.95 3.03 -23.54
CA PRO B 160 -15.35 2.81 -22.22
C PRO B 160 -15.68 3.94 -21.27
N PHE B 161 -15.63 3.68 -19.99
CA PHE B 161 -15.58 4.80 -19.06
C PHE B 161 -14.71 4.42 -17.86
N LEU B 162 -14.26 5.43 -17.11
CA LEU B 162 -13.31 5.22 -16.03
C LEU B 162 -13.73 6.03 -14.79
N ILE B 163 -13.71 5.36 -13.63
CA ILE B 163 -13.92 6.03 -12.37
C ILE B 163 -12.61 6.20 -11.69
N ILE B 164 -12.38 7.39 -11.16
CA ILE B 164 -11.23 7.63 -10.31
C ILE B 164 -11.71 8.42 -9.12
N GLY B 165 -11.65 7.79 -7.95
CA GLY B 165 -12.11 8.44 -6.74
C GLY B 165 -13.58 8.76 -6.90
N ASP B 166 -13.89 10.05 -6.94
CA ASP B 166 -15.27 10.52 -6.92
C ASP B 166 -15.73 11.04 -8.29
N SER B 167 -14.93 10.78 -9.31
CA SER B 167 -15.21 11.27 -10.66
C SER B 167 -15.29 10.15 -11.71
N LEU B 168 -16.02 10.42 -12.77
CA LEU B 168 -16.26 9.43 -13.79
C LEU B 168 -15.97 10.09 -15.12
N PHE B 169 -15.12 9.45 -15.91
CA PHE B 169 -14.66 9.98 -17.21
C PHE B 169 -15.25 9.05 -18.26
N VAL B 170 -15.91 9.62 -19.27
CA VAL B 170 -16.63 8.80 -20.27
C VAL B 170 -15.94 8.89 -21.65
N GLY B 171 -15.73 7.73 -22.27
CA GLY B 171 -15.12 7.64 -23.59
C GLY B 171 -13.59 7.73 -23.55
N ALA B 172 -12.97 8.10 -24.68
CA ALA B 172 -11.52 8.22 -24.77
C ALA B 172 -11.03 9.52 -24.15
N THR B 173 -10.75 9.50 -22.86
CA THR B 173 -10.32 10.68 -22.11
C THR B 173 -8.82 10.95 -22.23
N ASP B 174 -8.44 12.19 -22.49
CA ASP B 174 -7.03 12.59 -22.51
C ASP B 174 -6.30 12.12 -21.24
N LEU B 175 -5.16 11.47 -21.42
CA LEU B 175 -4.33 10.97 -20.30
C LEU B 175 -3.92 12.08 -19.32
N ASN B 176 -3.67 13.29 -19.81
CA ASN B 176 -3.32 14.40 -18.93
C ASN B 176 -4.45 14.78 -17.98
N VAL B 177 -5.69 14.64 -18.43
CA VAL B 177 -6.85 14.93 -17.57
C VAL B 177 -6.90 13.91 -16.45
N LEU B 178 -6.70 12.65 -16.83
CA LEU B 178 -6.69 11.57 -15.86
C LEU B 178 -5.55 11.74 -14.84
N ARG B 179 -4.37 12.08 -15.34
CA ARG B 179 -3.22 12.21 -14.44
C ARG B 179 -3.46 13.36 -13.46
N LYS B 180 -4.09 14.44 -13.92
CA LYS B 180 -4.35 15.60 -13.05
C LYS B 180 -5.35 15.22 -11.95
N LYS B 181 -6.34 14.40 -12.27
CA LYS B 181 -7.28 13.96 -11.24
C LYS B 181 -6.55 13.11 -10.20
N VAL B 182 -5.67 12.23 -10.67
CA VAL B 182 -4.92 11.38 -9.77
C VAL B 182 -4.09 12.21 -8.81
N ASP B 183 -3.36 13.20 -9.33
CA ASP B 183 -2.52 14.03 -8.49
C ASP B 183 -3.41 14.78 -7.50
N GLU B 184 -4.54 15.30 -7.98
CA GLU B 184 -5.40 16.12 -7.14
C GLU B 184 -5.88 15.26 -5.97
N LEU B 185 -6.12 13.98 -6.22
CA LEU B 185 -6.62 13.07 -5.19
C LEU B 185 -5.55 12.57 -4.21
N SER B 186 -4.28 12.65 -4.58
CA SER B 186 -3.18 12.19 -3.70
C SER B 186 -2.23 13.28 -3.23
N HIS B 187 -2.66 14.08 -2.26
CA HIS B 187 -1.75 15.00 -1.57
C HIS B 187 -1.65 14.56 -0.12
N LYS B 188 -0.43 14.59 0.43
CA LYS B 188 -0.20 14.03 1.77
C LYS B 188 1.00 14.67 2.45
N GLN B 189 1.17 14.31 3.72
CA GLN B 189 2.33 14.72 4.50
C GLN B 189 2.68 13.58 5.44
N GLY B 190 3.95 13.48 5.76
CA GLY B 190 4.43 12.40 6.61
C GLY B 190 5.93 12.54 6.74
N ASP C 6 -15.44 -18.46 26.74
CA ASP C 6 -14.41 -18.57 25.72
C ASP C 6 -13.68 -17.24 25.48
N ASN C 7 -13.79 -16.72 24.27
CA ASN C 7 -13.26 -15.39 23.96
C ASN C 7 -14.31 -14.35 24.31
N VAL C 8 -14.27 -13.89 25.57
CA VAL C 8 -15.28 -12.97 26.07
C VAL C 8 -15.27 -11.61 25.35
N THR C 9 -14.11 -11.17 24.84
CA THR C 9 -14.05 -9.88 24.14
C THR C 9 -14.77 -9.91 22.78
N LYS C 10 -14.39 -10.83 21.90
CA LYS C 10 -15.04 -10.96 20.60
C LYS C 10 -16.56 -11.18 20.78
N SER C 11 -16.94 -11.90 21.84
CA SER C 11 -18.35 -12.14 22.13
C SER C 11 -19.08 -10.84 22.40
N LYS C 12 -18.55 -10.05 23.35
CA LYS C 12 -19.04 -8.71 23.63
C LYS C 12 -19.18 -7.94 22.32
N ILE C 13 -18.12 -7.98 21.53
CA ILE C 13 -18.07 -7.23 20.28
C ILE C 13 -19.10 -7.78 19.31
N SER C 14 -19.26 -9.11 19.26
CA SER C 14 -20.30 -9.72 18.43
C SER C 14 -21.69 -9.28 18.89
N GLN C 15 -21.92 -9.35 20.19
CA GLN C 15 -23.21 -9.04 20.78
C GLN C 15 -23.64 -7.59 20.52
N TYR C 16 -22.66 -6.71 20.28
CA TYR C 16 -22.95 -5.29 20.13
C TYR C 16 -22.45 -4.72 18.79
N LYS C 17 -22.14 -5.61 17.83
CA LYS C 17 -21.61 -5.19 16.53
C LYS C 17 -22.34 -4.01 15.92
N ASP C 18 -23.67 -4.16 15.80
CA ASP C 18 -24.54 -3.12 15.23
C ASP C 18 -24.39 -1.79 15.93
N GLN C 19 -24.26 -1.81 17.25
CA GLN C 19 -24.00 -0.59 18.02
C GLN C 19 -22.60 -0.08 17.74
N ILE C 20 -21.61 -0.93 18.01
CA ILE C 20 -20.20 -0.57 17.94
C ILE C 20 -19.81 0.05 16.61
N PHE C 21 -20.17 -0.60 15.50
CA PHE C 21 -19.73 -0.12 14.18
C PHE C 21 -20.84 0.69 13.50
N ASP C 22 -21.51 1.52 14.28
CA ASP C 22 -22.58 2.41 13.78
C ASP C 22 -21.96 3.60 13.06
N LEU C 23 -22.26 3.75 11.77
CA LEU C 23 -21.64 4.79 10.92
C LEU C 23 -22.41 6.10 10.87
N THR C 24 -23.51 6.20 11.61
CA THR C 24 -24.22 7.47 11.77
C THR C 24 -23.47 8.36 12.77
N TYR C 25 -22.38 7.84 13.32
CA TYR C 25 -21.48 8.59 14.19
C TYR C 25 -20.38 9.25 13.37
N PRO C 26 -19.76 10.30 13.92
CA PRO C 26 -18.71 10.97 13.15
C PRO C 26 -17.53 10.03 12.89
N TYR C 27 -16.92 10.12 11.72
CA TYR C 27 -15.82 9.22 11.40
C TYR C 27 -14.93 9.81 10.33
N SER C 28 -13.69 9.34 10.28
CA SER C 28 -12.70 9.79 9.30
C SER C 28 -12.00 8.60 8.66
N GLY C 29 -11.15 8.89 7.68
CA GLY C 29 -10.35 7.88 7.02
C GLY C 29 -10.90 7.44 5.67
N ASN C 30 -10.72 6.14 5.38
CA ASN C 30 -10.89 5.57 4.05
C ASN C 30 -12.30 5.01 3.81
N GLU C 31 -13.05 5.68 2.93
CA GLU C 31 -14.44 5.30 2.66
C GLU C 31 -14.58 3.89 2.11
N ASN C 32 -13.51 3.36 1.54
CA ASN C 32 -13.53 2.05 0.91
C ASN C 32 -13.00 0.95 1.82
N SER C 33 -12.53 1.31 3.01
CA SER C 33 -11.94 0.34 3.92
C SER C 33 -12.99 -0.42 4.72
N SER C 34 -12.76 -1.71 4.87
CA SER C 34 -13.62 -2.57 5.68
C SER C 34 -13.06 -2.68 7.10
N VAL C 35 -11.86 -2.13 7.31
CA VAL C 35 -11.24 -2.14 8.62
C VAL C 35 -11.69 -0.91 9.40
N ILE C 36 -12.54 -1.14 10.40
CA ILE C 36 -13.19 -0.07 11.14
C ILE C 36 -12.64 -0.06 12.55
N ALA C 37 -12.19 1.11 12.98
CA ALA C 37 -11.73 1.35 14.34
C ALA C 37 -12.74 2.23 15.01
N VAL C 38 -12.99 2.00 16.30
CA VAL C 38 -13.97 2.79 17.02
C VAL C 38 -13.38 3.25 18.34
N GLY C 39 -13.19 4.56 18.45
CA GLY C 39 -12.54 5.19 19.60
C GLY C 39 -13.56 5.78 20.54
N PHE C 40 -13.36 5.46 21.82
CA PHE C 40 -14.23 5.88 22.89
C PHE C 40 -13.44 6.81 23.78
N LEU C 41 -13.79 8.10 23.77
CA LEU C 41 -12.98 9.10 24.45
C LEU C 41 -13.80 10.10 25.26
N ASP C 42 -13.11 10.66 26.25
CA ASP C 42 -13.64 11.70 27.12
C ASP C 42 -12.67 12.85 27.01
N TYR C 43 -13.18 14.05 26.73
CA TYR C 43 -12.32 15.18 26.44
C TYR C 43 -11.56 15.70 27.63
N SER C 44 -12.02 15.42 28.84
CA SER C 44 -11.30 15.89 30.04
C SER C 44 -10.31 14.84 30.55
N CYS C 45 -10.30 13.67 29.91
CA CYS C 45 -9.41 12.59 30.32
C CYS C 45 -7.98 12.77 29.80
N GLY C 46 -7.05 12.90 30.73
CA GLY C 46 -5.64 13.07 30.39
C GLY C 46 -5.11 11.93 29.53
N HIS C 47 -5.57 10.71 29.82
CA HIS C 47 -5.19 9.55 29.02
C HIS C 47 -5.69 9.73 27.57
N CYS C 48 -6.92 10.21 27.41
CA CYS C 48 -7.43 10.57 26.07
C CYS C 48 -6.63 11.71 25.40
N LYS C 49 -6.25 12.71 26.20
CA LYS C 49 -5.49 13.86 25.70
C LYS C 49 -4.12 13.46 25.16
N ALA C 50 -3.49 12.49 25.83
CA ALA C 50 -2.12 12.12 25.52
C ALA C 50 -2.00 11.36 24.18
N ILE C 51 -3.03 10.57 23.83
CA ILE C 51 -3.00 9.79 22.60
C ILE C 51 -3.54 10.51 21.37
N LYS C 52 -3.79 11.81 21.49
CA LYS C 52 -4.50 12.55 20.45
C LYS C 52 -3.76 12.50 19.14
N ASN C 53 -2.44 12.59 19.20
CA ASN C 53 -1.61 12.65 17.98
C ASN C 53 -1.35 11.26 17.38
N ASP C 54 -1.26 10.23 18.22
CA ASP C 54 -1.17 8.85 17.72
C ASP C 54 -2.44 8.48 16.95
N ILE C 55 -3.61 8.89 17.45
CA ILE C 55 -4.85 8.58 16.77
C ILE C 55 -4.84 9.26 15.41
N LYS C 56 -4.41 10.51 15.41
CA LYS C 56 -4.41 11.30 14.22
C LYS C 56 -3.48 10.65 13.17
N GLN C 57 -2.32 10.18 13.61
CA GLN C 57 -1.42 9.47 12.69
C GLN C 57 -2.01 8.17 12.17
N LEU C 58 -2.73 7.44 13.03
CA LEU C 58 -3.34 6.18 12.59
C LEU C 58 -4.34 6.46 11.48
N ILE C 59 -5.11 7.53 11.64
CA ILE C 59 -6.07 7.96 10.62
C ILE C 59 -5.38 8.33 9.31
N ASN C 60 -4.28 9.07 9.42
CA ASN C 60 -3.53 9.52 8.25
C ASN C 60 -2.79 8.41 7.51
N ASP C 61 -2.60 7.26 8.15
CA ASP C 61 -2.06 6.11 7.44
C ASP C 61 -2.97 5.74 6.26
N GLY C 62 -4.25 6.10 6.37
CA GLY C 62 -5.16 6.03 5.24
C GLY C 62 -5.73 4.65 4.98
N LYS C 63 -5.56 3.75 5.95
CA LYS C 63 -5.96 2.36 5.81
C LYS C 63 -7.28 2.03 6.53
N ILE C 64 -7.77 2.92 7.38
CA ILE C 64 -8.97 2.63 8.18
C ILE C 64 -10.11 3.62 8.06
N LYS C 65 -11.25 3.18 8.56
CA LYS C 65 -12.35 4.04 8.90
C LYS C 65 -12.32 4.18 10.41
N TYR C 66 -12.21 5.40 10.90
CA TYR C 66 -12.11 5.61 12.34
C TYR C 66 -13.36 6.34 12.83
N ILE C 67 -14.09 5.70 13.74
CA ILE C 67 -15.33 6.24 14.27
C ILE C 67 -15.08 6.84 15.66
N PHE C 68 -15.55 8.08 15.84
CA PHE C 68 -15.46 8.77 17.11
C PHE C 68 -16.72 8.63 17.95
N ARG C 69 -16.59 7.89 19.06
CA ARG C 69 -17.65 7.81 20.08
C ARG C 69 -17.34 8.67 21.31
N ASP C 70 -17.96 9.84 21.37
CA ASP C 70 -17.92 10.66 22.56
C ASP C 70 -18.69 9.95 23.65
N ALA C 71 -17.96 9.65 24.71
CA ALA C 71 -18.44 8.83 25.79
C ALA C 71 -17.91 9.40 27.10
N PRO C 72 -18.40 10.57 27.50
CA PRO C 72 -17.93 11.17 28.76
C PRO C 72 -18.23 10.28 29.97
N ILE C 73 -17.34 10.28 30.95
CA ILE C 73 -17.51 9.51 32.17
C ILE C 73 -16.99 10.24 33.39
N LEU C 74 -16.47 11.45 33.20
CA LEU C 74 -15.76 12.14 34.28
C LEU C 74 -16.56 13.31 34.85
N GLY C 75 -17.78 13.52 34.34
CA GLY C 75 -18.65 14.54 34.91
C GLY C 75 -19.27 15.47 33.91
N ASN C 76 -19.93 16.52 34.43
CA ASN C 76 -20.71 17.42 33.60
C ASN C 76 -19.89 18.24 32.63
N ALA C 77 -18.68 18.64 33.02
CA ALA C 77 -17.84 19.39 32.09
C ALA C 77 -17.58 18.56 30.84
N SER C 78 -17.25 17.29 31.04
CA SER C 78 -16.98 16.37 29.92
C SER C 78 -18.23 16.12 29.06
N LEU C 79 -19.38 15.93 29.72
CA LEU C 79 -20.67 15.83 29.04
C LEU C 79 -20.91 17.03 28.13
N LYS C 80 -20.55 18.21 28.63
CA LYS C 80 -20.66 19.45 27.87
C LYS C 80 -19.85 19.38 26.57
N ALA C 81 -18.56 19.12 26.68
CA ALA C 81 -17.71 19.05 25.53
C ALA C 81 -18.21 18.01 24.51
N ALA C 82 -18.73 16.89 24.99
CA ALA C 82 -19.21 15.84 24.11
C ALA C 82 -20.42 16.31 23.29
N LYS C 83 -21.34 17.04 23.93
CA LYS C 83 -22.51 17.55 23.24
C LYS C 83 -22.12 18.64 22.23
N SER C 84 -21.16 19.48 22.62
CA SER C 84 -20.61 20.51 21.73
C SER C 84 -20.01 19.91 20.46
N ALA C 85 -19.26 18.82 20.62
CA ALA C 85 -18.58 18.16 19.52
C ALA C 85 -19.55 17.65 18.45
N LEU C 86 -20.60 16.97 18.92
CA LEU C 86 -21.68 16.53 18.04
C LEU C 86 -22.49 17.72 17.46
N ALA C 87 -22.61 18.81 18.22
CA ALA C 87 -23.26 20.00 17.70
C ALA C 87 -22.48 20.53 16.49
N VAL C 88 -21.15 20.42 16.56
CA VAL C 88 -20.31 20.88 15.46
C VAL C 88 -20.43 19.93 14.29
N TYR C 89 -20.57 18.65 14.61
CA TYR C 89 -20.70 17.62 13.59
C TYR C 89 -21.94 17.85 12.70
N PHE C 90 -23.03 18.35 13.28
CA PHE C 90 -24.26 18.56 12.54
C PHE C 90 -24.26 19.86 11.73
N LEU C 91 -23.34 20.77 12.07
CA LEU C 91 -23.06 21.94 11.25
C LEU C 91 -22.21 21.57 10.04
N ASP C 92 -21.10 20.86 10.30
CA ASP C 92 -20.18 20.45 9.25
C ASP C 92 -19.43 19.20 9.69
N LYS C 93 -19.64 18.09 8.97
CA LYS C 93 -18.98 16.83 9.29
C LYS C 93 -17.46 16.97 9.26
N GLU C 94 -16.96 17.80 8.35
CA GLU C 94 -15.53 17.93 8.09
C GLU C 94 -14.79 18.80 9.11
N LYS C 95 -15.53 19.42 10.03
CA LYS C 95 -14.94 20.23 11.09
C LYS C 95 -14.99 19.49 12.42
N TYR C 96 -15.55 18.29 12.43
CA TYR C 96 -15.73 17.57 13.70
C TYR C 96 -14.36 17.22 14.27
N PHE C 97 -13.37 17.00 13.41
CA PHE C 97 -12.05 16.64 13.90
C PHE C 97 -11.34 17.83 14.53
N ASP C 98 -11.49 19.01 13.91
CA ASP C 98 -10.82 20.20 14.41
C ASP C 98 -11.29 20.50 15.84
N PHE C 99 -12.60 20.42 16.08
CA PHE C 99 -13.10 20.58 17.45
C PHE C 99 -12.54 19.47 18.36
N HIS C 100 -12.70 18.24 17.91
CA HIS C 100 -12.22 17.07 18.64
C HIS C 100 -10.79 17.27 19.12
N HIS C 101 -9.92 17.69 18.21
CA HIS C 101 -8.50 17.78 18.49
C HIS C 101 -8.21 18.99 19.38
N ALA C 102 -8.92 20.07 19.11
CA ALA C 102 -8.86 21.28 19.93
C ALA C 102 -9.19 20.98 21.39
N ALA C 103 -10.24 20.20 21.60
CA ALA C 103 -10.66 19.86 22.95
C ALA C 103 -9.66 18.91 23.64
N LEU C 104 -8.97 18.06 22.89
CA LEU C 104 -7.99 17.16 23.51
C LEU C 104 -6.73 17.93 23.89
N SER C 105 -6.46 19.01 23.16
CA SER C 105 -5.32 19.87 23.44
C SER C 105 -5.65 20.86 24.55
N HIS C 106 -6.95 21.12 24.72
CA HIS C 106 -7.46 22.01 25.76
C HIS C 106 -6.93 21.65 27.13
N LYS C 107 -6.27 22.62 27.77
CA LYS C 107 -5.78 22.46 29.14
C LYS C 107 -6.82 22.92 30.16
N GLY C 108 -7.01 22.11 31.19
CA GLY C 108 -7.94 22.46 32.26
C GLY C 108 -9.36 22.07 31.93
N GLU C 109 -10.28 22.34 32.84
CA GLU C 109 -11.65 21.86 32.68
C GLU C 109 -12.49 22.81 31.82
N PHE C 110 -13.48 22.22 31.17
CA PHE C 110 -14.31 22.91 30.19
C PHE C 110 -15.38 23.77 30.87
N SER C 111 -15.56 24.96 30.32
CA SER C 111 -16.63 25.85 30.74
C SER C 111 -17.38 26.31 29.50
N ASP C 112 -18.60 26.82 29.69
CA ASP C 112 -19.40 27.31 28.57
C ASP C 112 -18.59 28.22 27.67
N GLU C 113 -17.63 28.93 28.28
CA GLU C 113 -16.87 29.96 27.60
C GLU C 113 -15.69 29.39 26.84
N SER C 114 -14.92 28.51 27.49
CA SER C 114 -13.75 27.92 26.85
C SER C 114 -14.18 27.04 25.68
N ILE C 115 -15.37 26.46 25.78
CA ILE C 115 -15.91 25.67 24.68
C ILE C 115 -16.18 26.60 23.49
N LEU C 116 -16.76 27.78 23.75
CA LEU C 116 -16.98 28.74 22.68
C LEU C 116 -15.67 29.18 22.02
N ASP C 117 -14.63 29.42 22.82
CA ASP C 117 -13.32 29.79 22.30
C ASP C 117 -12.88 28.83 21.21
N ILE C 118 -12.97 27.53 21.52
CA ILE C 118 -12.58 26.48 20.58
C ILE C 118 -13.33 26.63 19.26
N VAL C 119 -14.63 26.87 19.36
CA VAL C 119 -15.47 27.06 18.18
C VAL C 119 -14.95 28.24 17.35
N LYS C 120 -14.61 29.35 18.02
CA LYS C 120 -14.02 30.50 17.34
C LYS C 120 -12.89 30.07 16.40
N ASN C 121 -11.89 29.41 16.98
CA ASN C 121 -10.65 29.11 16.29
C ASN C 121 -10.77 28.14 15.11
N ILE C 122 -11.84 27.35 15.06
CA ILE C 122 -12.02 26.35 13.99
C ILE C 122 -13.07 26.71 12.93
N GLY C 123 -13.13 27.97 12.51
CA GLY C 123 -13.85 28.32 11.30
C GLY C 123 -15.24 28.91 11.39
N ILE C 124 -15.93 28.72 12.51
CA ILE C 124 -17.24 29.37 12.71
C ILE C 124 -17.36 29.88 14.14
N ASP C 125 -18.26 30.82 14.40
CA ASP C 125 -18.39 31.39 15.73
C ASP C 125 -19.79 31.20 16.32
N GLU C 126 -19.95 31.67 17.57
CA GLU C 126 -21.20 31.53 18.30
C GLU C 126 -22.35 32.12 17.52
N ASP C 127 -22.93 31.32 16.65
CA ASP C 127 -24.12 31.72 15.90
C ASP C 127 -25.07 30.55 15.91
N ASP C 128 -25.21 29.86 14.78
CA ASP C 128 -26.02 28.66 14.69
C ASP C 128 -25.44 27.52 15.53
N PHE C 129 -24.27 27.74 16.13
CA PHE C 129 -23.68 26.73 17.00
C PHE C 129 -24.56 26.55 18.24
N ASN C 130 -25.08 27.67 18.74
CA ASN C 130 -26.02 27.62 19.85
C ASN C 130 -27.35 27.02 19.41
N ASP C 131 -27.77 27.34 18.18
CA ASP C 131 -29.00 26.79 17.64
C ASP C 131 -28.88 25.29 17.41
N SER C 132 -27.68 24.82 17.13
CA SER C 132 -27.44 23.39 16.99
C SER C 132 -27.72 22.69 18.32
N ILE C 133 -27.10 23.18 19.39
CA ILE C 133 -27.39 22.72 20.76
C ILE C 133 -28.88 22.57 21.03
N LYS C 134 -29.67 23.53 20.53
CA LYS C 134 -31.12 23.52 20.75
C LYS C 134 -31.84 22.59 19.75
N ASP C 135 -31.61 22.81 18.46
CA ASP C 135 -32.31 22.09 17.40
C ASP C 135 -32.06 20.60 17.45
N ASN C 136 -30.80 20.22 17.62
CA ASN C 136 -30.40 18.81 17.62
C ASN C 136 -30.20 18.26 19.02
N ALA C 137 -30.84 18.88 20.02
CA ALA C 137 -30.67 18.46 21.41
C ALA C 137 -31.07 16.99 21.58
N ASP C 138 -32.23 16.63 21.05
CA ASP C 138 -32.66 15.23 21.11
C ASP C 138 -31.71 14.28 20.35
N LYS C 139 -31.31 14.70 19.15
CA LYS C 139 -30.41 13.92 18.31
C LYS C 139 -29.04 13.73 18.98
N ILE C 140 -28.54 14.80 19.61
CA ILE C 140 -27.28 14.75 20.32
C ILE C 140 -27.43 13.90 21.57
N GLU C 141 -28.53 14.15 22.32
CA GLU C 141 -28.82 13.41 23.54
C GLU C 141 -28.83 11.89 23.28
N GLN C 142 -29.54 11.48 22.24
CA GLN C 142 -29.66 10.06 21.89
C GLN C 142 -28.32 9.40 21.53
N MET C 143 -27.46 10.13 20.82
CA MET C 143 -26.18 9.59 20.37
C MET C 143 -25.21 9.39 21.52
N ILE C 144 -25.09 10.42 22.35
CA ILE C 144 -24.28 10.36 23.55
C ILE C 144 -24.85 9.35 24.52
N ASN C 145 -26.17 9.29 24.65
CA ASN C 145 -26.77 8.35 25.59
C ASN C 145 -26.46 6.93 25.19
N ASN C 146 -26.63 6.61 23.90
CA ASN C 146 -26.35 5.27 23.42
C ASN C 146 -24.87 4.95 23.56
N SER C 147 -23.99 5.95 23.45
CA SER C 147 -22.57 5.68 23.57
C SER C 147 -22.23 5.35 25.03
N ARG C 148 -22.81 6.11 25.96
CA ARG C 148 -22.54 5.90 27.37
C ARG C 148 -23.06 4.54 27.78
N LEU C 149 -24.22 4.18 27.25
CA LEU C 149 -24.80 2.88 27.54
C LEU C 149 -23.96 1.75 26.93
N LEU C 150 -23.51 1.93 25.68
CA LEU C 150 -22.66 0.93 25.05
C LEU C 150 -21.42 0.66 25.92
N VAL C 151 -20.78 1.73 26.39
CA VAL C 151 -19.64 1.60 27.29
C VAL C 151 -19.93 0.82 28.56
N ARG C 152 -21.08 1.07 29.22
CA ARG C 152 -21.39 0.36 30.45
C ARG C 152 -21.59 -1.10 30.10
N ASP C 153 -22.13 -1.38 28.92
CA ASP C 153 -22.46 -2.75 28.51
C ASP C 153 -21.21 -3.57 28.14
N LEU C 154 -20.17 -2.89 27.63
CA LEU C 154 -18.90 -3.55 27.28
C LEU C 154 -18.02 -3.73 28.50
N GLY C 155 -18.43 -3.12 29.62
CA GLY C 155 -17.75 -3.30 30.90
C GLY C 155 -16.38 -2.64 30.99
N VAL C 156 -16.19 -1.57 30.22
CA VAL C 156 -14.94 -0.82 30.26
C VAL C 156 -15.08 0.42 31.14
N GLY C 157 -14.36 0.43 32.26
CA GLY C 157 -14.56 1.45 33.28
C GLY C 157 -13.90 2.81 33.05
N GLY C 158 -12.87 2.85 32.22
CA GLY C 158 -12.13 4.07 31.99
C GLY C 158 -12.00 4.40 30.53
N THR C 159 -11.38 5.55 30.25
CA THR C 159 -11.12 5.99 28.89
C THR C 159 -9.64 6.22 28.76
N PRO C 160 -9.13 6.12 27.53
CA PRO C 160 -9.90 5.70 26.36
C PRO C 160 -10.00 4.20 26.28
N PHE C 161 -10.73 3.72 25.27
CA PHE C 161 -10.51 2.40 24.76
C PHE C 161 -10.88 2.42 23.29
N LEU C 162 -10.37 1.43 22.57
CA LEU C 162 -10.39 1.44 21.13
C LEU C 162 -10.73 0.03 20.63
N ILE C 163 -11.75 -0.05 19.77
CA ILE C 163 -12.12 -1.33 19.17
C ILE C 163 -11.68 -1.33 17.72
N ILE C 164 -10.96 -2.39 17.33
CA ILE C 164 -10.63 -2.64 15.94
C ILE C 164 -10.93 -4.09 15.64
N GLY C 165 -11.86 -4.30 14.72
CA GLY C 165 -12.29 -5.64 14.37
C GLY C 165 -12.78 -6.38 15.60
N ASP C 166 -12.08 -7.44 15.96
CA ASP C 166 -12.47 -8.30 17.08
C ASP C 166 -11.68 -7.97 18.36
N SER C 167 -10.92 -6.88 18.31
CA SER C 167 -10.01 -6.55 19.41
C SER C 167 -10.44 -5.30 20.15
N LEU C 168 -10.26 -5.30 21.47
CA LEU C 168 -10.55 -4.13 22.31
C LEU C 168 -9.29 -3.76 23.10
N PHE C 169 -8.79 -2.56 22.84
CA PHE C 169 -7.57 -2.04 23.47
C PHE C 169 -7.88 -1.01 24.56
N VAL C 170 -7.68 -1.39 25.81
CA VAL C 170 -7.96 -0.46 26.89
C VAL C 170 -6.75 0.43 27.20
N GLY C 171 -7.05 1.71 27.44
CA GLY C 171 -6.09 2.66 27.97
C GLY C 171 -5.04 3.06 26.96
N ALA C 172 -3.82 3.27 27.43
CA ALA C 172 -2.75 3.75 26.58
C ALA C 172 -2.42 2.68 25.53
N THR C 173 -2.37 3.10 24.28
CA THR C 173 -2.06 2.20 23.19
C THR C 173 -0.68 2.46 22.64
N ASP C 174 -0.18 1.48 21.91
CA ASP C 174 1.08 1.56 21.23
C ASP C 174 0.75 1.65 19.75
N LEU C 175 1.17 2.73 19.12
CA LEU C 175 0.81 2.99 17.73
C LEU C 175 1.27 1.89 16.75
N ASN C 176 2.37 1.19 17.07
CA ASN C 176 2.85 0.08 16.25
C ASN C 176 1.99 -1.15 16.39
N VAL C 177 1.52 -1.39 17.61
CA VAL C 177 0.60 -2.47 17.85
C VAL C 177 -0.68 -2.23 17.04
N LEU C 178 -1.21 -1.01 17.08
CA LEU C 178 -2.43 -0.68 16.33
C LEU C 178 -2.22 -0.89 14.84
N ARG C 179 -1.10 -0.40 14.33
CA ARG C 179 -0.78 -0.57 12.90
C ARG C 179 -0.69 -2.04 12.54
N LYS C 180 -0.20 -2.83 13.49
CA LYS C 180 -0.02 -4.26 13.29
C LYS C 180 -1.38 -4.93 13.17
N LYS C 181 -2.33 -4.50 14.01
CA LYS C 181 -3.68 -5.06 13.95
C LYS C 181 -4.37 -4.63 12.64
N VAL C 182 -4.30 -3.33 12.31
CA VAL C 182 -4.84 -2.81 11.06
C VAL C 182 -4.30 -3.54 9.82
N ASP C 183 -2.99 -3.79 9.78
CA ASP C 183 -2.40 -4.47 8.62
C ASP C 183 -2.93 -5.90 8.51
N GLU C 184 -2.87 -6.62 9.63
CA GLU C 184 -3.37 -7.99 9.75
C GLU C 184 -4.82 -8.14 9.23
N LEU C 185 -5.64 -7.10 9.41
CA LEU C 185 -7.06 -7.17 9.05
C LEU C 185 -7.35 -6.79 7.60
N SER C 186 -6.42 -6.10 6.95
CA SER C 186 -6.58 -5.67 5.56
C SER C 186 -6.44 -6.85 4.59
N ASP D 6 1.90 -39.22 19.35
CA ASP D 6 2.88 -38.14 19.43
C ASP D 6 3.20 -37.62 18.03
N ASN D 7 3.54 -36.34 17.92
CA ASN D 7 3.68 -35.63 16.64
C ASN D 7 4.89 -36.08 15.80
N VAL D 8 4.65 -36.91 14.79
CA VAL D 8 5.76 -37.48 14.02
C VAL D 8 6.28 -36.49 12.98
N THR D 9 5.38 -35.67 12.45
CA THR D 9 5.71 -34.78 11.34
C THR D 9 6.71 -33.69 11.73
N LYS D 10 6.46 -32.94 12.81
CA LYS D 10 7.42 -31.92 13.21
C LYS D 10 8.68 -32.56 13.79
N SER D 11 8.53 -33.68 14.49
CA SER D 11 9.71 -34.42 14.96
C SER D 11 10.63 -34.77 13.79
N LYS D 12 10.04 -35.27 12.70
CA LYS D 12 10.77 -35.53 11.45
C LYS D 12 11.43 -34.25 10.96
N ILE D 13 10.64 -33.20 10.85
CA ILE D 13 11.12 -31.92 10.38
C ILE D 13 12.23 -31.37 11.30
N SER D 14 12.13 -31.62 12.59
CA SER D 14 13.14 -31.10 13.51
C SER D 14 14.46 -31.81 13.25
N GLN D 15 14.41 -33.11 13.01
CA GLN D 15 15.64 -33.86 12.81
C GLN D 15 16.40 -33.37 11.59
N TYR D 16 15.66 -32.96 10.57
CA TYR D 16 16.24 -32.64 9.27
C TYR D 16 16.09 -31.15 8.90
N LYS D 17 15.83 -30.29 9.89
CA LYS D 17 15.62 -28.87 9.59
C LYS D 17 16.81 -28.31 8.81
N ASP D 18 18.02 -28.62 9.27
CA ASP D 18 19.22 -28.11 8.62
C ASP D 18 19.27 -28.56 7.16
N GLN D 19 18.74 -29.75 6.91
CA GLN D 19 18.61 -30.24 5.54
C GLN D 19 17.43 -29.54 4.84
N ILE D 20 16.28 -29.50 5.49
CA ILE D 20 15.06 -29.02 4.84
C ILE D 20 15.16 -27.56 4.43
N PHE D 21 15.68 -26.72 5.33
CA PHE D 21 15.72 -25.29 5.07
C PHE D 21 17.12 -24.86 4.66
N ASP D 22 17.81 -25.75 3.96
CA ASP D 22 19.10 -25.43 3.36
C ASP D 22 18.93 -24.27 2.39
N LEU D 23 19.80 -23.27 2.51
CA LEU D 23 19.62 -22.04 1.74
C LEU D 23 20.26 -22.08 0.36
N THR D 24 20.99 -23.14 0.07
CA THR D 24 21.73 -23.17 -1.19
C THR D 24 20.80 -23.50 -2.34
N TYR D 25 19.61 -24.00 -2.03
CA TYR D 25 18.66 -24.38 -3.07
C TYR D 25 17.90 -23.17 -3.58
N PRO D 26 17.42 -23.25 -4.85
CA PRO D 26 16.66 -22.16 -5.48
C PRO D 26 15.45 -21.77 -4.66
N TYR D 27 15.17 -20.48 -4.56
CA TYR D 27 14.00 -20.00 -3.85
C TYR D 27 13.42 -18.75 -4.49
N SER D 28 12.16 -18.48 -4.15
CA SER D 28 11.49 -17.22 -4.48
C SER D 28 10.91 -16.63 -3.21
N GLY D 29 10.48 -15.38 -3.32
CA GLY D 29 9.79 -14.68 -2.24
C GLY D 29 10.70 -13.87 -1.35
N ASN D 30 10.13 -13.41 -0.24
CA ASN D 30 10.84 -12.62 0.76
C ASN D 30 11.95 -13.41 1.45
N GLU D 31 13.19 -13.19 1.02
CA GLU D 31 14.34 -13.95 1.51
C GLU D 31 14.39 -14.13 3.03
N ASN D 32 14.26 -13.03 3.77
CA ASN D 32 14.38 -13.06 5.22
C ASN D 32 13.05 -13.19 5.95
N SER D 33 12.03 -13.70 5.26
CA SER D 33 10.73 -13.92 5.89
C SER D 33 10.78 -15.18 6.74
N SER D 34 10.17 -15.14 7.92
CA SER D 34 10.26 -16.27 8.85
C SER D 34 9.34 -17.42 8.44
N VAL D 35 8.31 -17.14 7.65
CA VAL D 35 7.50 -18.21 7.08
C VAL D 35 8.17 -18.78 5.82
N ILE D 36 8.70 -20.00 5.95
CA ILE D 36 9.48 -20.63 4.89
C ILE D 36 8.77 -21.88 4.35
N ALA D 37 8.38 -21.83 3.08
CA ALA D 37 7.81 -22.99 2.38
C ALA D 37 8.91 -23.79 1.66
N VAL D 38 8.73 -25.11 1.56
CA VAL D 38 9.68 -25.97 0.89
C VAL D 38 8.97 -27.07 0.10
N GLY D 39 8.97 -26.91 -1.22
CA GLY D 39 8.24 -27.81 -2.09
C GLY D 39 9.18 -28.82 -2.69
N PHE D 40 8.74 -30.07 -2.68
CA PHE D 40 9.45 -31.15 -3.33
C PHE D 40 8.65 -31.63 -4.52
N LEU D 41 9.26 -31.64 -5.70
CA LEU D 41 8.55 -32.14 -6.87
C LEU D 41 9.43 -32.80 -7.93
N ASP D 42 8.71 -33.45 -8.83
CA ASP D 42 9.26 -34.16 -9.95
C ASP D 42 8.55 -33.58 -11.16
N TYR D 43 9.32 -33.14 -12.15
CA TYR D 43 8.77 -32.45 -13.33
C TYR D 43 7.87 -33.30 -14.23
N SER D 44 8.05 -34.62 -14.22
CA SER D 44 7.23 -35.50 -15.04
C SER D 44 5.93 -35.85 -14.31
N CYS D 45 5.88 -35.49 -13.02
CA CYS D 45 4.77 -35.91 -12.18
C CYS D 45 3.54 -35.08 -12.47
N GLY D 46 2.50 -35.76 -12.94
CA GLY D 46 1.23 -35.10 -13.22
C GLY D 46 0.68 -34.31 -12.04
N HIS D 47 0.82 -34.86 -10.84
CA HIS D 47 0.34 -34.16 -9.66
C HIS D 47 1.17 -32.87 -9.45
N CYS D 48 2.48 -32.96 -9.67
CA CYS D 48 3.34 -31.76 -9.60
C CYS D 48 2.97 -30.69 -10.66
N LYS D 49 2.51 -31.11 -11.84
CA LYS D 49 2.18 -30.17 -12.92
C LYS D 49 0.86 -29.45 -12.63
N ALA D 50 -0.01 -30.12 -11.89
CA ALA D 50 -1.34 -29.60 -11.64
C ALA D 50 -1.30 -28.45 -10.63
N ILE D 51 -0.33 -28.46 -9.72
CA ILE D 51 -0.30 -27.48 -8.63
C ILE D 51 0.60 -26.28 -8.90
N LYS D 52 1.18 -26.18 -10.10
CA LYS D 52 2.17 -25.15 -10.35
C LYS D 52 1.59 -23.73 -10.16
N ASN D 53 0.38 -23.47 -10.70
CA ASN D 53 -0.24 -22.16 -10.55
C ASN D 53 -0.59 -21.84 -9.09
N ASP D 54 -1.14 -22.81 -8.38
CA ASP D 54 -1.37 -22.67 -6.94
C ASP D 54 -0.13 -22.22 -6.20
N ILE D 55 0.97 -22.93 -6.42
CA ILE D 55 2.24 -22.55 -5.81
C ILE D 55 2.69 -21.18 -6.24
N LYS D 56 2.60 -20.88 -7.54
CA LYS D 56 3.06 -19.58 -8.03
C LYS D 56 2.17 -18.46 -7.49
N GLN D 57 0.93 -18.81 -7.18
CA GLN D 57 -0.01 -17.89 -6.55
C GLN D 57 0.26 -17.74 -5.06
N LEU D 58 0.80 -18.78 -4.43
CA LEU D 58 1.16 -18.70 -3.02
C LEU D 58 2.40 -17.83 -2.84
N ILE D 59 3.27 -17.88 -3.83
CA ILE D 59 4.46 -17.03 -3.83
C ILE D 59 4.10 -15.58 -4.10
N ASN D 60 3.12 -15.34 -4.98
CA ASN D 60 2.69 -13.97 -5.29
C ASN D 60 2.13 -13.22 -4.08
N ASP D 61 1.51 -13.96 -3.16
CA ASP D 61 0.99 -13.38 -1.93
C ASP D 61 2.04 -12.53 -1.24
N GLY D 62 3.30 -12.82 -1.50
CA GLY D 62 4.41 -12.01 -1.00
C GLY D 62 4.75 -12.31 0.45
N LYS D 63 4.03 -13.24 1.05
CA LYS D 63 4.10 -13.48 2.49
C LYS D 63 5.10 -14.56 2.91
N ILE D 64 5.70 -15.26 1.96
CA ILE D 64 6.62 -16.36 2.27
C ILE D 64 7.85 -16.30 1.39
N LYS D 65 8.87 -17.08 1.76
CA LYS D 65 9.89 -17.48 0.82
C LYS D 65 9.69 -18.95 0.53
N TYR D 66 9.73 -19.28 -0.75
CA TYR D 66 9.44 -20.61 -1.22
C TYR D 66 10.71 -21.24 -1.77
N ILE D 67 11.11 -22.38 -1.19
CA ILE D 67 12.31 -23.07 -1.62
C ILE D 67 11.94 -24.21 -2.55
N PHE D 68 12.71 -24.36 -3.63
CA PHE D 68 12.46 -25.42 -4.60
C PHE D 68 13.41 -26.58 -4.38
N ARG D 69 12.85 -27.74 -4.05
CA ARG D 69 13.60 -28.99 -3.97
C ARG D 69 13.27 -29.94 -5.10
N ASP D 70 14.13 -29.95 -6.10
CA ASP D 70 14.06 -30.92 -7.16
C ASP D 70 14.37 -32.30 -6.59
N ALA D 71 13.35 -33.13 -6.58
CA ALA D 71 13.39 -34.43 -5.92
C ALA D 71 12.86 -35.50 -6.86
N PRO D 72 13.51 -35.68 -8.02
CA PRO D 72 13.00 -36.63 -9.01
C PRO D 72 12.88 -38.03 -8.44
N ILE D 73 11.78 -38.73 -8.76
CA ILE D 73 11.54 -40.08 -8.27
C ILE D 73 11.01 -41.00 -9.37
N LEU D 74 10.61 -40.40 -10.50
CA LEU D 74 9.95 -41.14 -11.58
C LEU D 74 10.89 -41.64 -12.70
N GLY D 75 12.19 -41.61 -12.46
CA GLY D 75 13.16 -42.08 -13.47
C GLY D 75 14.14 -41.04 -13.99
N ASN D 76 14.92 -41.44 -14.99
CA ASN D 76 15.99 -40.61 -15.54
C ASN D 76 15.52 -39.40 -16.31
N ALA D 77 14.41 -39.50 -17.03
CA ALA D 77 13.87 -38.34 -17.72
C ALA D 77 13.59 -37.23 -16.70
N SER D 78 13.04 -37.59 -15.53
CA SER D 78 12.81 -36.63 -14.47
C SER D 78 14.12 -36.11 -13.85
N LEU D 79 15.10 -37.02 -13.73
CA LEU D 79 16.39 -36.67 -13.16
C LEU D 79 17.07 -35.67 -14.07
N LYS D 80 17.01 -35.94 -15.36
CA LYS D 80 17.62 -35.08 -16.37
C LYS D 80 17.12 -33.66 -16.23
N ALA D 81 15.80 -33.51 -16.20
CA ALA D 81 15.18 -32.20 -16.07
C ALA D 81 15.59 -31.50 -14.77
N ALA D 82 15.73 -32.28 -13.69
CA ALA D 82 16.16 -31.72 -12.42
C ALA D 82 17.55 -31.08 -12.57
N LYS D 83 18.46 -31.84 -13.16
CA LYS D 83 19.83 -31.38 -13.43
C LYS D 83 19.82 -30.15 -14.32
N SER D 84 18.89 -30.14 -15.27
CA SER D 84 18.81 -29.06 -16.24
C SER D 84 18.33 -27.78 -15.54
N ALA D 85 17.34 -27.93 -14.68
CA ALA D 85 16.84 -26.83 -13.85
C ALA D 85 17.94 -26.23 -12.98
N LEU D 86 18.75 -27.09 -12.35
CA LEU D 86 19.80 -26.60 -11.48
C LEU D 86 20.97 -26.04 -12.30
N ALA D 87 21.14 -26.53 -13.53
CA ALA D 87 22.15 -25.96 -14.44
C ALA D 87 21.82 -24.50 -14.76
N VAL D 88 20.58 -24.27 -15.14
CA VAL D 88 20.07 -22.91 -15.35
C VAL D 88 20.23 -22.07 -14.08
N TYR D 89 19.82 -22.61 -12.96
CA TYR D 89 20.02 -21.94 -11.68
C TYR D 89 21.44 -21.38 -11.49
N PHE D 90 22.47 -22.10 -11.90
CA PHE D 90 23.85 -21.67 -11.65
C PHE D 90 24.32 -20.63 -12.67
N LEU D 91 23.66 -20.58 -13.83
CA LEU D 91 23.94 -19.53 -14.79
C LEU D 91 23.26 -18.21 -14.40
N ASP D 92 22.01 -18.31 -13.94
CA ASP D 92 21.27 -17.16 -13.41
C ASP D 92 20.11 -17.65 -12.53
N LYS D 93 20.13 -17.20 -11.28
CA LYS D 93 19.17 -17.64 -10.28
C LYS D 93 17.75 -17.23 -10.62
N GLU D 94 17.61 -16.12 -11.34
CA GLU D 94 16.30 -15.60 -11.69
C GLU D 94 15.69 -16.37 -12.86
N LYS D 95 16.51 -17.16 -13.54
CA LYS D 95 16.07 -17.90 -14.71
C LYS D 95 15.69 -19.33 -14.38
N TYR D 96 15.71 -19.66 -13.08
CA TYR D 96 15.37 -21.01 -12.65
C TYR D 96 13.86 -21.19 -12.63
N PHE D 97 13.14 -20.15 -12.20
CA PHE D 97 11.69 -20.29 -12.11
C PHE D 97 11.05 -20.47 -13.48
N ASP D 98 11.55 -19.73 -14.47
CA ASP D 98 10.99 -19.83 -15.81
C ASP D 98 11.12 -21.26 -16.36
N PHE D 99 12.31 -21.82 -16.24
CA PHE D 99 12.54 -23.20 -16.62
C PHE D 99 11.64 -24.14 -15.80
N HIS D 100 11.59 -23.90 -14.50
CA HIS D 100 10.77 -24.68 -13.58
C HIS D 100 9.31 -24.68 -14.05
N HIS D 101 8.82 -23.50 -14.42
CA HIS D 101 7.43 -23.38 -14.85
C HIS D 101 7.24 -24.00 -16.23
N ALA D 102 8.15 -23.73 -17.14
CA ALA D 102 8.11 -24.36 -18.46
C ALA D 102 8.12 -25.90 -18.36
N ALA D 103 8.93 -26.44 -17.45
CA ALA D 103 9.04 -27.88 -17.26
C ALA D 103 7.74 -28.52 -16.76
N LEU D 104 7.07 -27.85 -15.83
CA LEU D 104 5.80 -28.34 -15.31
C LEU D 104 4.70 -28.23 -16.36
N SER D 105 4.84 -27.26 -17.27
CA SER D 105 3.91 -27.11 -18.36
C SER D 105 4.16 -28.15 -19.45
N HIS D 106 5.42 -28.57 -19.60
CA HIS D 106 5.80 -29.56 -20.61
C HIS D 106 4.92 -30.80 -20.52
N LYS D 107 4.22 -31.09 -21.61
CA LYS D 107 3.18 -32.10 -21.60
C LYS D 107 3.75 -33.53 -21.73
N GLY D 108 4.72 -33.70 -22.62
CA GLY D 108 5.26 -35.03 -22.87
C GLY D 108 6.35 -35.41 -21.88
N GLU D 109 7.15 -36.41 -22.24
CA GLU D 109 8.30 -36.77 -21.44
C GLU D 109 9.53 -36.03 -21.93
N PHE D 110 10.50 -35.91 -21.04
CA PHE D 110 11.65 -35.06 -21.29
C PHE D 110 12.73 -35.75 -22.11
N SER D 111 13.24 -35.01 -23.09
CA SER D 111 14.37 -35.45 -23.89
C SER D 111 15.44 -34.35 -23.88
N ASP D 112 16.68 -34.71 -24.23
CA ASP D 112 17.78 -33.74 -24.29
C ASP D 112 17.39 -32.53 -25.12
N GLU D 113 16.54 -32.76 -26.12
CA GLU D 113 16.18 -31.76 -27.10
C GLU D 113 15.03 -30.87 -26.61
N SER D 114 14.00 -31.49 -26.04
CA SER D 114 12.84 -30.73 -25.55
C SER D 114 13.26 -29.87 -24.36
N ILE D 115 14.28 -30.31 -23.62
CA ILE D 115 14.82 -29.54 -22.52
C ILE D 115 15.49 -28.28 -23.08
N LEU D 116 16.22 -28.42 -24.19
CA LEU D 116 16.82 -27.26 -24.85
C LEU D 116 15.74 -26.30 -25.35
N ASP D 117 14.64 -26.85 -25.85
CA ASP D 117 13.53 -26.02 -26.31
C ASP D 117 13.06 -25.08 -25.21
N ILE D 118 13.12 -25.57 -23.98
CA ILE D 118 12.81 -24.73 -22.84
C ILE D 118 13.90 -23.69 -22.70
N VAL D 119 15.15 -24.15 -22.74
CA VAL D 119 16.30 -23.27 -22.68
C VAL D 119 16.24 -22.24 -23.81
N LYS D 120 15.52 -22.56 -24.88
CA LYS D 120 15.36 -21.63 -25.99
C LYS D 120 14.44 -20.46 -25.63
N ASN D 121 13.31 -20.75 -24.99
CA ASN D 121 12.33 -19.72 -24.64
C ASN D 121 12.76 -18.81 -23.48
N ILE D 122 13.79 -19.23 -22.74
CA ILE D 122 14.36 -18.37 -21.71
C ILE D 122 15.37 -17.43 -22.37
N GLY D 123 16.09 -17.95 -23.37
CA GLY D 123 17.04 -17.18 -24.13
C GLY D 123 18.47 -17.47 -23.71
N ILE D 124 18.61 -18.39 -22.77
CA ILE D 124 19.94 -18.86 -22.35
C ILE D 124 20.59 -19.58 -23.54
N ASP D 125 21.84 -19.22 -23.80
CA ASP D 125 22.59 -19.78 -24.91
C ASP D 125 22.89 -21.24 -24.62
N GLU D 126 22.96 -22.07 -25.67
CA GLU D 126 23.14 -23.50 -25.49
C GLU D 126 24.52 -23.85 -24.97
N ASP D 127 25.50 -23.02 -25.29
CA ASP D 127 26.88 -23.27 -24.89
C ASP D 127 27.04 -23.05 -23.39
N ASP D 128 26.49 -21.94 -22.90
CA ASP D 128 26.53 -21.63 -21.49
C ASP D 128 25.85 -22.75 -20.72
N PHE D 129 24.67 -23.11 -21.21
CA PHE D 129 23.87 -24.17 -20.61
C PHE D 129 24.66 -25.46 -20.53
N ASN D 130 25.27 -25.85 -21.65
CA ASN D 130 26.04 -27.10 -21.70
C ASN D 130 27.28 -27.05 -20.81
N ASP D 131 28.01 -25.93 -20.86
CA ASP D 131 29.19 -25.76 -20.04
C ASP D 131 28.85 -25.86 -18.56
N SER D 132 27.71 -25.28 -18.18
CA SER D 132 27.26 -25.29 -16.79
C SER D 132 27.04 -26.72 -16.28
N ILE D 133 26.35 -27.54 -17.06
CA ILE D 133 26.12 -28.95 -16.72
C ILE D 133 27.39 -29.67 -16.25
N LYS D 134 28.53 -29.33 -16.86
CA LYS D 134 29.80 -30.04 -16.59
C LYS D 134 30.58 -29.41 -15.44
N ASP D 135 30.73 -28.09 -15.49
CA ASP D 135 31.48 -27.37 -14.48
C ASP D 135 30.83 -27.54 -13.11
N ASN D 136 29.49 -27.59 -13.11
CA ASN D 136 28.73 -27.67 -11.87
C ASN D 136 28.13 -29.05 -11.62
N ALA D 137 28.60 -30.05 -12.36
CA ALA D 137 28.13 -31.43 -12.18
C ALA D 137 28.29 -31.84 -10.71
N ASP D 138 29.44 -31.46 -10.17
CA ASP D 138 29.76 -31.63 -8.75
C ASP D 138 28.57 -31.23 -7.87
N LYS D 139 28.28 -29.94 -7.84
CA LYS D 139 27.27 -29.40 -6.92
C LYS D 139 25.84 -29.81 -7.27
N ILE D 140 25.54 -29.94 -8.57
CA ILE D 140 24.21 -30.34 -9.03
C ILE D 140 23.86 -31.72 -8.49
N GLU D 141 24.76 -32.67 -8.70
CA GLU D 141 24.59 -34.04 -8.23
C GLU D 141 24.40 -34.05 -6.72
N GLN D 142 25.18 -33.23 -6.01
CA GLN D 142 25.07 -33.19 -4.55
C GLN D 142 23.69 -32.66 -4.11
N MET D 143 23.23 -31.58 -4.75
CA MET D 143 21.97 -30.97 -4.35
C MET D 143 20.83 -31.96 -4.61
N ILE D 144 20.78 -32.50 -5.82
CA ILE D 144 19.76 -33.42 -6.20
C ILE D 144 19.85 -34.71 -5.39
N ASN D 145 21.07 -35.17 -5.12
CA ASN D 145 21.22 -36.38 -4.32
C ASN D 145 20.72 -36.15 -2.91
N ASN D 146 21.07 -35.00 -2.35
CA ASN D 146 20.67 -34.70 -0.99
C ASN D 146 19.15 -34.48 -0.89
N SER D 147 18.54 -33.92 -1.92
CA SER D 147 17.10 -33.74 -1.94
C SER D 147 16.43 -35.13 -1.97
N ARG D 148 16.95 -36.03 -2.80
CA ARG D 148 16.40 -37.37 -2.89
C ARG D 148 16.47 -38.10 -1.55
N LEU D 149 17.63 -38.06 -0.91
CA LEU D 149 17.80 -38.76 0.36
C LEU D 149 16.85 -38.21 1.42
N LEU D 150 16.70 -36.89 1.45
CA LEU D 150 15.84 -36.24 2.42
C LEU D 150 14.38 -36.72 2.31
N VAL D 151 13.92 -36.85 1.08
CA VAL D 151 12.58 -37.35 0.83
C VAL D 151 12.43 -38.80 1.33
N ARG D 152 13.45 -39.63 1.12
CA ARG D 152 13.45 -40.99 1.66
C ARG D 152 13.46 -40.88 3.19
N ASP D 153 14.30 -40.00 3.72
CA ASP D 153 14.36 -39.78 5.16
C ASP D 153 13.02 -39.29 5.75
N LEU D 154 12.28 -38.46 5.02
CA LEU D 154 10.99 -37.99 5.50
C LEU D 154 9.88 -39.00 5.28
N GLY D 155 10.20 -40.10 4.62
CA GLY D 155 9.25 -41.17 4.42
C GLY D 155 8.04 -40.79 3.56
N VAL D 156 8.19 -39.82 2.67
CA VAL D 156 7.13 -39.50 1.71
C VAL D 156 7.37 -40.22 0.38
N GLY D 157 6.43 -41.07 -0.02
CA GLY D 157 6.63 -41.94 -1.16
C GLY D 157 6.33 -41.31 -2.50
N GLY D 158 5.42 -40.34 -2.54
CA GLY D 158 5.01 -39.71 -3.78
C GLY D 158 5.31 -38.21 -3.85
N THR D 159 5.09 -37.63 -5.03
CA THR D 159 5.27 -36.20 -5.23
C THR D 159 3.97 -35.61 -5.74
N PRO D 160 3.73 -34.31 -5.49
CA PRO D 160 4.57 -33.39 -4.71
C PRO D 160 4.33 -33.58 -3.24
N PHE D 161 5.14 -32.93 -2.42
CA PHE D 161 4.76 -32.63 -1.04
C PHE D 161 5.44 -31.31 -0.63
N LEU D 162 4.89 -30.70 0.41
CA LEU D 162 5.24 -29.33 0.75
C LEU D 162 5.31 -29.16 2.26
N ILE D 163 6.44 -28.65 2.72
CA ILE D 163 6.61 -28.33 4.13
C ILE D 163 6.43 -26.84 4.31
N ILE D 164 5.52 -26.47 5.22
CA ILE D 164 5.44 -25.10 5.71
C ILE D 164 5.52 -25.11 7.21
N GLY D 165 6.52 -24.43 7.74
CA GLY D 165 6.78 -24.38 9.17
C GLY D 165 6.83 -25.77 9.77
N ASP D 166 5.81 -26.07 10.57
CA ASP D 166 5.73 -27.33 11.30
C ASP D 166 4.91 -28.37 10.56
N SER D 167 4.39 -27.98 9.40
CA SER D 167 3.41 -28.80 8.67
C SER D 167 3.96 -29.40 7.38
N LEU D 168 3.51 -30.61 7.05
CA LEU D 168 3.88 -31.29 5.81
C LEU D 168 2.65 -31.78 5.07
N PHE D 169 2.38 -31.18 3.92
CA PHE D 169 1.17 -31.45 3.15
C PHE D 169 1.46 -32.40 1.99
N VAL D 170 0.93 -33.60 2.06
CA VAL D 170 1.23 -34.60 1.01
C VAL D 170 0.24 -34.45 -0.12
N GLY D 171 0.73 -34.65 -1.33
CA GLY D 171 -0.09 -34.69 -2.52
C GLY D 171 -0.78 -33.38 -2.84
N ALA D 172 -2.03 -33.50 -3.28
CA ALA D 172 -2.77 -32.37 -3.82
C ALA D 172 -3.20 -31.45 -2.68
N THR D 173 -3.03 -30.15 -2.89
CA THR D 173 -3.29 -29.16 -1.85
C THR D 173 -4.49 -28.27 -2.18
N ASP D 174 -5.04 -27.68 -1.13
CA ASP D 174 -6.03 -26.64 -1.22
C ASP D 174 -5.34 -25.31 -0.99
N LEU D 175 -5.29 -24.48 -2.01
CA LEU D 175 -4.64 -23.18 -1.93
C LEU D 175 -5.16 -22.32 -0.75
N ASN D 176 -6.38 -22.57 -0.31
CA ASN D 176 -6.95 -21.89 0.88
C ASN D 176 -6.41 -22.42 2.20
N VAL D 177 -6.14 -23.72 2.25
CA VAL D 177 -5.56 -24.31 3.45
C VAL D 177 -4.15 -23.81 3.63
N LEU D 178 -3.45 -23.66 2.50
CA LEU D 178 -2.07 -23.20 2.49
C LEU D 178 -1.97 -21.77 2.99
N ARG D 179 -2.73 -20.86 2.38
CA ARG D 179 -2.77 -19.47 2.82
C ARG D 179 -3.13 -19.35 4.29
N LYS D 180 -4.03 -20.19 4.77
CA LYS D 180 -4.41 -20.18 6.18
C LYS D 180 -3.29 -20.66 7.11
N LYS D 181 -2.44 -21.59 6.64
CA LYS D 181 -1.31 -22.00 7.46
C LYS D 181 -0.27 -20.89 7.52
N VAL D 182 -0.15 -20.14 6.43
CA VAL D 182 0.84 -19.09 6.36
C VAL D 182 0.48 -17.93 7.29
N ASP D 183 -0.81 -17.60 7.33
CA ASP D 183 -1.30 -16.55 8.20
C ASP D 183 -1.13 -16.98 9.65
N GLU D 184 -1.57 -18.20 9.94
CA GLU D 184 -1.48 -18.79 11.28
C GLU D 184 -0.08 -18.67 11.87
N LEU D 185 0.95 -18.73 11.01
CA LEU D 185 2.33 -18.71 11.47
C LEU D 185 2.86 -17.29 11.68
N SER D 186 2.07 -16.28 11.33
CA SER D 186 2.38 -14.88 11.64
C SER D 186 1.54 -14.38 12.81
#